data_6UZT
#
_entry.id   6UZT
#
_cell.length_a   104.720
_cell.length_b   112.110
_cell.length_c   136.370
_cell.angle_alpha   90.000
_cell.angle_beta   90.000
_cell.angle_gamma   90.000
#
_symmetry.space_group_name_H-M   'P 2 21 21'
#
loop_
_entity.id
_entity.type
_entity.pdbx_description
1 polymer 'Receptor-type tyrosine-protein phosphatase alpha'
2 water water
#
_entity_poly.entity_id   1
_entity_poly.type   'polypeptide(L)'
_entity_poly.pdbx_seq_one_letter_code
;MSPSTNRKYPPLPVDKLEEEINRRMADDNKLFREEFNALPACPIQATCEAASKEENKEKNRYVNILPYDHSRVHLTPVEG
VPDSDYINASFINGYQEKNKFIAAQGPKEETVNDFWRMIWEQNTATIVMVTNLKERKECKCAQYWPDQGCWTYGNIRVSV
EDVTVLVDYTVRKFCIQQVGDMTNRKPQRLITQFHFTSWPDFGVPFTPIGMLKFLKKVKACNPQYAGAIVVHCSAGVGRT
GTFVVIDAMLDMMHTERKVDVYGFVSRIRAQRCQMVQTDMQYVFIYQALLEHYLYGDTELEVTSLETHLQKIYNKIPGTS
NNGLEEEFKKLTSIKIQNDKMRTGNLPANMKKNRVLQIIPYEFNRVIIPVKRGEENTDYVNASFIDGYRQKDSYIASQGP
LLHTIEDFWRMIWEWKSCSIVMLTELEERGQEKCAQYWPSDGLVSYGDITVELKKEEECESYTVRDLLVTNTRENKSRQI
RQFHFHGWPEVGIPSDGKGMISIIAAVQKQQQQSGNHPITVHCSAGAGRTGTFCALSTVLERVKAEGILDVFQTVKSLRL
QRPHMVQTLEQYEFCYKVVQEYIDAFSDYANFKLEHHHHHH
;
_entity_poly.pdbx_strand_id   A,B
#
# COMPACT_ATOMS: atom_id res chain seq x y z
N ASN A 6 9.34 21.96 2.01
CA ASN A 6 10.46 20.96 1.94
C ASN A 6 11.63 21.59 1.18
N ARG A 7 12.82 21.57 1.80
CA ARG A 7 14.06 22.22 1.30
C ARG A 7 14.81 21.24 0.38
N LYS A 8 14.48 19.94 0.42
CA LYS A 8 15.11 18.89 -0.43
C LYS A 8 14.49 18.87 -1.84
N TYR A 9 13.24 19.32 -2.02
CA TYR A 9 12.55 19.37 -3.34
C TYR A 9 11.99 20.76 -3.61
N PRO A 10 12.85 21.81 -3.68
CA PRO A 10 12.38 23.18 -3.88
C PRO A 10 11.89 23.33 -5.32
N PRO A 11 11.20 24.45 -5.65
CA PRO A 11 10.79 24.70 -7.04
C PRO A 11 11.97 24.59 -8.02
N LEU A 12 11.71 24.12 -9.24
CA LEU A 12 12.71 23.96 -10.33
C LEU A 12 12.52 25.07 -11.35
N PRO A 13 13.51 25.95 -11.59
CA PRO A 13 13.46 26.84 -12.76
C PRO A 13 13.44 25.96 -14.02
N VAL A 14 12.71 26.42 -15.05
CA VAL A 14 12.50 25.66 -16.31
C VAL A 14 13.85 25.30 -16.98
N ASP A 15 14.87 26.17 -16.93
CA ASP A 15 16.18 25.93 -17.61
C ASP A 15 16.93 24.75 -16.96
N LYS A 16 16.53 24.26 -15.78
CA LYS A 16 17.13 23.07 -15.10
C LYS A 16 16.16 21.88 -15.15
N LEU A 17 14.99 22.00 -15.79
CA LEU A 17 13.94 20.95 -15.78
C LEU A 17 14.45 19.68 -16.48
N GLU A 18 15.05 19.79 -17.68
CA GLU A 18 15.52 18.63 -18.49
C GLU A 18 16.65 17.91 -17.74
N GLU A 19 17.66 18.65 -17.28
CA GLU A 19 18.80 18.12 -16.49
C GLU A 19 18.28 17.36 -15.25
N GLU A 20 17.35 17.97 -14.51
CA GLU A 20 16.82 17.39 -13.24
C GLU A 20 16.03 16.12 -13.53
N ILE A 21 15.20 16.11 -14.59
CA ILE A 21 14.41 14.91 -15.00
C ILE A 21 15.40 13.78 -15.30
N ASN A 22 16.44 14.06 -16.11
CA ASN A 22 17.49 13.07 -16.46
C ASN A 22 18.10 12.48 -15.18
N ARG A 23 18.53 13.33 -14.24
CA ARG A 23 19.16 12.89 -12.96
C ARG A 23 18.16 12.03 -12.18
N ARG A 24 16.90 12.47 -12.10
CA ARG A 24 15.85 11.81 -11.30
C ARG A 24 15.37 10.52 -11.97
N MET A 25 15.47 10.43 -13.30
CA MET A 25 15.10 9.21 -14.07
C MET A 25 16.21 8.14 -13.99
N ALA A 26 17.45 8.53 -13.66
CA ALA A 26 18.65 7.65 -13.67
C ALA A 26 18.49 6.52 -12.65
N ASP A 27 19.16 5.39 -12.89
CA ASP A 27 19.17 4.20 -12.01
C ASP A 27 17.72 3.72 -11.76
N ASP A 28 16.92 3.60 -12.83
CA ASP A 28 15.50 3.15 -12.80
C ASP A 28 14.69 4.12 -11.91
N ASN A 29 14.57 5.38 -12.32
CA ASN A 29 13.77 6.45 -11.64
C ASN A 29 14.09 6.47 -10.14
N LYS A 30 15.38 6.41 -9.75
CA LYS A 30 15.82 6.27 -8.33
C LYS A 30 15.39 7.47 -7.49
N LEU A 31 15.79 8.68 -7.88
CA LEU A 31 15.52 9.92 -7.10
C LEU A 31 14.05 10.32 -7.27
N PHE A 32 13.42 10.01 -8.41
CA PHE A 32 11.97 10.24 -8.61
C PHE A 32 11.18 9.37 -7.61
N ARG A 33 11.55 8.11 -7.42
CA ARG A 33 10.87 7.21 -6.44
CA ARG A 33 10.87 7.20 -6.44
C ARG A 33 11.06 7.75 -5.02
N GLU A 34 12.25 8.24 -4.70
CA GLU A 34 12.52 8.85 -3.36
C GLU A 34 11.59 10.05 -3.18
N GLU A 35 11.52 10.91 -4.20
CA GLU A 35 10.70 12.15 -4.19
C GLU A 35 9.23 11.79 -3.97
N PHE A 36 8.70 10.85 -4.76
CA PHE A 36 7.31 10.39 -4.65
C PHE A 36 7.05 9.80 -3.26
N ASN A 37 7.98 8.99 -2.75
CA ASN A 37 7.82 8.32 -1.42
C ASN A 37 7.93 9.36 -0.29
N ALA A 38 8.59 10.49 -0.54
CA ALA A 38 8.76 11.61 0.42
C ALA A 38 7.54 12.53 0.42
N LEU A 39 6.52 12.31 -0.45
CA LEU A 39 5.28 13.12 -0.41
C LEU A 39 4.60 12.89 0.94
N PRO A 40 4.00 13.92 1.56
CA PRO A 40 3.22 13.69 2.78
C PRO A 40 1.96 12.90 2.42
N ALA A 41 1.48 12.02 3.31
CA ALA A 41 0.15 11.37 3.16
C ALA A 41 -0.91 12.48 3.17
N CYS A 42 -0.77 13.43 4.09
CA CYS A 42 -1.67 14.60 4.23
C CYS A 42 -0.93 15.70 4.99
N PRO A 43 -0.79 16.92 4.41
CA PRO A 43 -0.06 17.99 5.09
C PRO A 43 -0.83 18.68 6.23
N ILE A 44 -2.10 18.31 6.45
CA ILE A 44 -2.97 18.90 7.51
C ILE A 44 -3.66 17.78 8.29
N GLN A 45 -4.32 18.16 9.38
CA GLN A 45 -5.15 17.26 10.21
C GLN A 45 -6.54 17.29 9.59
N ALA A 46 -6.99 16.17 9.04
CA ALA A 46 -8.28 16.07 8.34
C ALA A 46 -9.06 14.89 8.90
N THR A 47 -10.38 14.93 8.73
CA THR A 47 -11.33 13.91 9.19
C THR A 47 -12.08 13.37 7.96
N CYS A 48 -12.64 12.18 8.07
CA CYS A 48 -13.46 11.54 7.01
C CYS A 48 -14.69 10.89 7.66
N GLU A 49 -15.34 11.63 8.57
CA GLU A 49 -16.54 11.16 9.32
CA GLU A 49 -16.54 11.17 9.32
C GLU A 49 -17.65 10.78 8.33
N ALA A 50 -18.01 11.68 7.41
CA ALA A 50 -19.15 11.43 6.50
C ALA A 50 -18.86 10.19 5.64
N ALA A 51 -17.68 10.15 5.03
CA ALA A 51 -17.24 9.08 4.12
C ALA A 51 -17.22 7.73 4.83
N SER A 52 -16.95 7.71 6.14
CA SER A 52 -16.80 6.47 6.94
C SER A 52 -18.13 6.00 7.54
N LYS A 53 -19.20 6.78 7.46
CA LYS A 53 -20.53 6.39 8.00
C LYS A 53 -20.93 5.04 7.41
N GLU A 54 -21.45 4.12 8.23
CA GLU A 54 -21.87 2.77 7.80
C GLU A 54 -22.84 2.88 6.61
N GLU A 55 -23.75 3.85 6.67
CA GLU A 55 -24.82 4.06 5.67
C GLU A 55 -24.24 4.44 4.30
N ASN A 56 -23.00 4.94 4.23
CA ASN A 56 -22.32 5.37 2.98
C ASN A 56 -21.35 4.29 2.43
N LYS A 57 -21.23 3.13 3.06
CA LYS A 57 -20.21 2.11 2.68
C LYS A 57 -20.33 1.64 1.23
N GLU A 58 -21.53 1.44 0.68
CA GLU A 58 -21.70 0.95 -0.71
C GLU A 58 -21.36 2.06 -1.72
N LYS A 59 -21.23 3.31 -1.27
CA LYS A 59 -20.96 4.50 -2.12
C LYS A 59 -19.46 4.68 -2.38
N ASN A 60 -18.59 3.93 -1.69
CA ASN A 60 -17.12 4.02 -1.85
C ASN A 60 -16.58 2.76 -2.53
N ARG A 61 -15.71 2.94 -3.51
CA ARG A 61 -15.01 1.80 -4.19
C ARG A 61 -13.96 1.18 -3.26
N TYR A 62 -13.29 1.98 -2.43
CA TYR A 62 -12.20 1.51 -1.53
C TYR A 62 -12.37 2.09 -0.14
N VAL A 63 -12.18 1.26 0.89
CA VAL A 63 -12.35 1.70 2.31
C VAL A 63 -11.28 2.73 2.66
N ASN A 64 -10.15 2.77 1.95
CA ASN A 64 -8.98 3.65 2.28
C ASN A 64 -8.92 4.89 1.38
N ILE A 65 -9.86 5.07 0.43
CA ILE A 65 -9.92 6.27 -0.45
C ILE A 65 -11.23 7.00 -0.09
N LEU A 66 -11.15 7.86 0.91
CA LEU A 66 -12.34 8.53 1.48
C LEU A 66 -12.11 10.03 1.43
N PRO A 67 -13.10 10.82 0.95
CA PRO A 67 -12.96 12.27 0.92
C PRO A 67 -12.96 12.81 2.34
N TYR A 68 -12.18 13.88 2.55
CA TYR A 68 -12.12 14.58 3.85
C TYR A 68 -13.41 15.40 4.01
N ASP A 69 -13.81 15.59 5.25
CA ASP A 69 -15.04 16.34 5.60
C ASP A 69 -14.97 17.80 5.11
N HIS A 70 -13.80 18.44 5.21
CA HIS A 70 -13.67 19.91 5.01
C HIS A 70 -13.71 20.23 3.50
N SER A 71 -13.42 19.27 2.64
CA SER A 71 -13.27 19.47 1.18
C SER A 71 -14.24 18.60 0.36
N ARG A 72 -15.10 17.78 0.97
CA ARG A 72 -15.99 16.88 0.19
C ARG A 72 -17.04 17.70 -0.56
N VAL A 73 -17.54 17.14 -1.65
CA VAL A 73 -18.66 17.71 -2.43
C VAL A 73 -19.94 17.24 -1.75
N HIS A 74 -20.71 18.18 -1.17
CA HIS A 74 -22.00 17.88 -0.51
C HIS A 74 -23.09 17.82 -1.57
N LEU A 75 -23.86 16.73 -1.60
CA LEU A 75 -25.12 16.69 -2.38
C LEU A 75 -26.19 17.32 -1.51
N THR A 76 -27.16 17.99 -2.12
CA THR A 76 -28.30 18.56 -1.36
C THR A 76 -29.05 17.37 -0.75
N PRO A 77 -29.48 17.45 0.53
CA PRO A 77 -30.22 16.35 1.14
C PRO A 77 -31.54 16.12 0.39
N VAL A 78 -31.91 14.86 0.19
CA VAL A 78 -33.19 14.46 -0.47
C VAL A 78 -34.18 14.13 0.65
N GLU A 79 -35.33 14.80 0.69
CA GLU A 79 -36.34 14.61 1.76
C GLU A 79 -36.78 13.14 1.76
N GLY A 80 -36.82 12.50 2.93
CA GLY A 80 -37.22 11.10 3.12
C GLY A 80 -36.11 10.10 2.84
N VAL A 81 -34.94 10.55 2.37
CA VAL A 81 -33.75 9.69 2.08
C VAL A 81 -32.63 10.12 3.01
N PRO A 82 -32.44 9.44 4.18
CA PRO A 82 -31.28 9.71 5.04
C PRO A 82 -29.96 9.44 4.32
N ASP A 83 -28.92 10.21 4.66
CA ASP A 83 -27.51 10.08 4.18
C ASP A 83 -27.40 10.37 2.68
N SER A 84 -28.37 11.08 2.10
CA SER A 84 -28.39 11.40 0.64
C SER A 84 -27.48 12.59 0.31
N ASP A 85 -26.69 13.09 1.26
CA ASP A 85 -25.77 14.24 1.05
C ASP A 85 -24.37 13.77 0.63
N TYR A 86 -24.14 12.46 0.46
CA TYR A 86 -22.76 11.95 0.31
C TYR A 86 -22.46 11.43 -1.10
N ILE A 87 -21.33 11.90 -1.62
CA ILE A 87 -20.67 11.33 -2.81
C ILE A 87 -19.16 11.30 -2.57
N ASN A 88 -18.51 10.28 -3.11
CA ASN A 88 -17.04 10.18 -3.06
C ASN A 88 -16.48 11.16 -4.09
N ALA A 89 -16.24 12.39 -3.67
CA ALA A 89 -15.71 13.47 -4.52
C ALA A 89 -15.25 14.61 -3.63
N SER A 90 -14.21 15.30 -4.08
CA SER A 90 -13.55 16.38 -3.32
C SER A 90 -13.27 17.58 -4.22
N PHE A 91 -13.43 18.78 -3.67
CA PHE A 91 -12.94 20.02 -4.33
C PHE A 91 -11.42 20.00 -4.35
N ILE A 92 -10.82 20.46 -5.43
CA ILE A 92 -9.33 20.52 -5.60
C ILE A 92 -8.98 21.88 -6.18
N ASN A 93 -7.98 22.52 -5.58
CA ASN A 93 -7.49 23.83 -6.04
C ASN A 93 -6.66 23.67 -7.30
N GLY A 94 -6.66 24.73 -8.11
CA GLY A 94 -5.74 24.93 -9.23
C GLY A 94 -4.53 25.70 -8.76
N TYR A 95 -3.70 26.14 -9.69
CA TYR A 95 -2.46 26.89 -9.42
C TYR A 95 -2.73 28.10 -8.50
N GLN A 96 -3.69 28.93 -8.90
CA GLN A 96 -4.01 30.22 -8.23
CA GLN A 96 -4.00 30.21 -8.19
C GLN A 96 -5.51 30.33 -7.91
N GLU A 97 -6.27 29.25 -8.10
CA GLU A 97 -7.74 29.29 -7.99
C GLU A 97 -8.24 28.19 -7.06
N LYS A 98 -9.02 28.57 -6.04
CA LYS A 98 -9.56 27.59 -5.07
C LYS A 98 -10.71 26.81 -5.72
N ASN A 99 -10.80 25.51 -5.45
CA ASN A 99 -11.92 24.63 -5.87
C ASN A 99 -12.19 24.74 -7.38
N LYS A 100 -11.12 24.80 -8.18
CA LYS A 100 -11.22 24.83 -9.66
C LYS A 100 -11.82 23.52 -10.15
N PHE A 101 -11.44 22.41 -9.52
CA PHE A 101 -11.84 21.05 -9.94
C PHE A 101 -12.58 20.34 -8.83
N ILE A 102 -13.32 19.32 -9.25
CA ILE A 102 -13.80 18.23 -8.39
C ILE A 102 -13.03 16.99 -8.82
N ALA A 103 -12.32 16.35 -7.89
CA ALA A 103 -11.72 15.01 -8.10
C ALA A 103 -12.75 14.02 -7.60
N ALA A 104 -13.33 13.22 -8.50
CA ALA A 104 -14.43 12.30 -8.17
C ALA A 104 -14.01 10.86 -8.45
N GLN A 105 -14.50 9.98 -7.59
CA GLN A 105 -14.56 8.54 -7.88
C GLN A 105 -15.39 8.33 -9.17
N GLY A 106 -14.93 7.44 -10.05
CA GLY A 106 -15.75 6.97 -11.18
C GLY A 106 -16.97 6.28 -10.57
N PRO A 107 -18.21 6.63 -10.96
CA PRO A 107 -19.37 6.08 -10.26
C PRO A 107 -19.43 4.55 -10.36
N LYS A 108 -19.94 3.95 -9.30
CA LYS A 108 -20.39 2.55 -9.30
C LYS A 108 -21.78 2.55 -9.90
N GLU A 109 -22.29 1.37 -10.29
CA GLU A 109 -23.71 1.27 -10.77
C GLU A 109 -24.62 2.01 -9.78
N GLU A 110 -24.42 1.81 -8.46
CA GLU A 110 -25.34 2.35 -7.42
C GLU A 110 -25.08 3.83 -7.13
N THR A 111 -24.05 4.48 -7.72
CA THR A 111 -23.79 5.93 -7.51
C THR A 111 -23.90 6.72 -8.82
N VAL A 112 -24.32 6.11 -9.93
CA VAL A 112 -24.50 6.83 -11.21
C VAL A 112 -25.47 8.00 -11.02
N ASN A 113 -26.62 7.76 -10.40
CA ASN A 113 -27.63 8.83 -10.18
C ASN A 113 -27.02 9.93 -9.30
N ASP A 114 -26.31 9.58 -8.23
CA ASP A 114 -25.64 10.58 -7.35
C ASP A 114 -24.65 11.42 -8.17
N PHE A 115 -23.90 10.78 -9.07
CA PHE A 115 -22.85 11.40 -9.90
C PHE A 115 -23.51 12.48 -10.78
N TRP A 116 -24.60 12.15 -11.47
CA TRP A 116 -25.32 13.14 -12.30
C TRP A 116 -25.92 14.27 -11.45
N ARG A 117 -26.44 13.95 -10.26
CA ARG A 117 -27.02 14.97 -9.39
C ARG A 117 -25.91 15.95 -8.96
N MET A 118 -24.72 15.45 -8.66
CA MET A 118 -23.55 16.32 -8.36
C MET A 118 -23.28 17.24 -9.56
N ILE A 119 -23.23 16.68 -10.75
CA ILE A 119 -22.93 17.46 -11.99
CA ILE A 119 -22.95 17.43 -12.01
C ILE A 119 -23.96 18.59 -12.11
N TRP A 120 -25.24 18.26 -11.95
CA TRP A 120 -26.31 19.28 -12.03
C TRP A 120 -26.15 20.31 -10.90
N GLU A 121 -26.05 19.85 -9.65
CA GLU A 121 -26.03 20.78 -8.48
C GLU A 121 -24.80 21.68 -8.50
N GLN A 122 -23.68 21.17 -9.00
CA GLN A 122 -22.40 21.93 -9.03
C GLN A 122 -22.34 22.86 -10.25
N ASN A 123 -23.33 22.84 -11.15
CA ASN A 123 -23.32 23.70 -12.35
C ASN A 123 -22.15 23.32 -13.28
N THR A 124 -21.73 22.06 -13.25
CA THR A 124 -20.58 21.56 -14.03
C THR A 124 -20.94 21.55 -15.53
N ALA A 125 -20.03 22.04 -16.36
CA ALA A 125 -20.16 22.00 -17.84
C ALA A 125 -19.27 20.92 -18.43
N THR A 126 -18.22 20.51 -17.72
CA THR A 126 -17.12 19.71 -18.30
C THR A 126 -16.80 18.53 -17.38
N ILE A 127 -16.79 17.34 -17.96
CA ILE A 127 -16.42 16.09 -17.27
C ILE A 127 -15.16 15.60 -17.95
N VAL A 128 -14.15 15.27 -17.17
CA VAL A 128 -12.87 14.72 -17.64
C VAL A 128 -12.77 13.30 -17.09
N MET A 129 -12.80 12.31 -17.98
CA MET A 129 -12.74 10.88 -17.63
C MET A 129 -11.35 10.35 -18.02
N VAL A 130 -10.55 9.95 -17.04
CA VAL A 130 -9.16 9.48 -17.31
C VAL A 130 -9.05 8.00 -16.92
N THR A 131 -10.01 7.21 -17.36
CA THR A 131 -9.99 5.73 -17.25
C THR A 131 -10.78 5.15 -18.40
N ASN A 132 -10.42 3.94 -18.81
CA ASN A 132 -11.32 3.09 -19.62
C ASN A 132 -12.36 2.51 -18.65
N LEU A 133 -13.51 2.08 -19.17
CA LEU A 133 -14.57 1.45 -18.34
C LEU A 133 -14.04 0.16 -17.71
N LYS A 134 -13.27 -0.62 -18.46
CA LYS A 134 -12.67 -1.89 -18.01
C LYS A 134 -11.17 -1.92 -18.29
N GLU A 135 -10.43 -2.59 -17.39
CA GLU A 135 -9.02 -3.01 -17.54
C GLU A 135 -9.00 -4.50 -17.24
N ARG A 136 -8.77 -5.33 -18.26
CA ARG A 136 -8.63 -6.80 -18.13
C ARG A 136 -9.89 -7.38 -17.47
N LYS A 137 -11.07 -7.05 -18.02
CA LYS A 137 -12.40 -7.51 -17.52
C LYS A 137 -12.68 -7.03 -16.08
N GLU A 138 -11.78 -6.29 -15.43
CA GLU A 138 -12.07 -5.60 -14.14
C GLU A 138 -12.80 -4.29 -14.47
N CYS A 139 -14.00 -4.09 -13.93
CA CYS A 139 -14.79 -2.85 -14.11
C CYS A 139 -14.13 -1.75 -13.29
N LYS A 140 -13.75 -0.65 -13.94
CA LYS A 140 -13.09 0.52 -13.29
C LYS A 140 -14.11 1.64 -13.08
N CYS A 141 -15.14 1.67 -13.92
CA CYS A 141 -16.14 2.76 -13.88
C CYS A 141 -17.42 2.26 -14.53
N ALA A 142 -18.56 2.60 -13.95
CA ALA A 142 -19.87 2.34 -14.55
C ALA A 142 -20.00 3.25 -15.78
N GLN A 143 -20.62 2.76 -16.85
CA GLN A 143 -20.95 3.62 -18.00
C GLN A 143 -22.15 4.46 -17.59
N TYR A 144 -21.92 5.73 -17.34
CA TYR A 144 -22.95 6.67 -16.81
C TYR A 144 -23.57 7.50 -17.93
N TRP A 145 -23.28 7.20 -19.19
CA TRP A 145 -23.83 7.96 -20.32
C TRP A 145 -24.50 7.01 -21.29
N PRO A 146 -25.53 7.51 -22.02
CA PRO A 146 -26.14 6.75 -23.10
C PRO A 146 -25.31 6.81 -24.39
N ASP A 147 -25.35 5.72 -25.15
CA ASP A 147 -24.66 5.57 -26.47
C ASP A 147 -25.48 6.27 -27.54
N GLN A 148 -26.79 6.34 -27.35
CA GLN A 148 -27.67 7.08 -28.28
C GLN A 148 -28.92 7.52 -27.52
N GLY A 149 -29.57 8.52 -28.09
CA GLY A 149 -30.85 9.01 -27.60
C GLY A 149 -30.73 9.61 -26.23
N CYS A 150 -31.65 9.26 -25.36
CA CYS A 150 -31.78 9.92 -24.03
CA CYS A 150 -31.85 9.91 -24.06
C CYS A 150 -32.03 8.87 -22.95
N TRP A 151 -31.57 9.17 -21.76
CA TRP A 151 -31.76 8.31 -20.56
C TRP A 151 -31.92 9.24 -19.38
N THR A 152 -32.77 8.87 -18.42
CA THR A 152 -32.96 9.68 -17.19
C THR A 152 -32.32 8.92 -16.03
N TYR A 153 -31.40 9.59 -15.35
CA TYR A 153 -30.63 9.07 -14.20
C TYR A 153 -31.17 9.81 -12.98
N GLY A 154 -32.04 9.16 -12.19
CA GLY A 154 -32.79 9.85 -11.13
C GLY A 154 -33.69 10.89 -11.77
N ASN A 155 -33.43 12.18 -11.55
CA ASN A 155 -34.20 13.32 -12.11
CA ASN A 155 -34.21 13.30 -12.13
C ASN A 155 -33.35 14.06 -13.15
N ILE A 156 -32.20 13.52 -13.57
CA ILE A 156 -31.35 14.18 -14.60
C ILE A 156 -31.53 13.47 -15.95
N ARG A 157 -32.19 14.14 -16.88
CA ARG A 157 -32.37 13.66 -18.28
C ARG A 157 -31.08 13.97 -19.04
N VAL A 158 -30.52 12.96 -19.71
CA VAL A 158 -29.23 13.10 -20.43
C VAL A 158 -29.48 12.68 -21.88
N SER A 159 -29.27 13.62 -22.81
CA SER A 159 -29.50 13.41 -24.26
CA SER A 159 -29.49 13.43 -24.27
C SER A 159 -28.16 13.49 -25.01
N VAL A 160 -27.88 12.49 -25.85
CA VAL A 160 -26.66 12.45 -26.71
C VAL A 160 -26.79 13.58 -27.74
N GLU A 161 -25.77 14.42 -27.84
CA GLU A 161 -25.70 15.47 -28.88
C GLU A 161 -24.74 15.04 -29.98
N ASP A 162 -23.53 14.65 -29.61
CA ASP A 162 -22.43 14.42 -30.59
C ASP A 162 -21.38 13.54 -29.94
N VAL A 163 -20.65 12.78 -30.75
CA VAL A 163 -19.51 11.93 -30.29
C VAL A 163 -18.41 12.10 -31.33
N THR A 164 -17.19 12.45 -30.91
CA THR A 164 -16.01 12.57 -31.80
C THR A 164 -14.94 11.64 -31.23
N VAL A 165 -14.60 10.60 -31.97
CA VAL A 165 -13.58 9.59 -31.58
C VAL A 165 -12.28 9.90 -32.30
N LEU A 166 -11.21 10.11 -31.54
CA LEU A 166 -9.83 10.25 -32.07
C LEU A 166 -8.96 9.20 -31.38
N VAL A 167 -7.72 9.04 -31.82
CA VAL A 167 -6.88 7.93 -31.30
C VAL A 167 -6.66 8.06 -29.78
N ASP A 168 -6.45 9.27 -29.24
CA ASP A 168 -6.02 9.44 -27.83
C ASP A 168 -7.17 9.75 -26.87
N TYR A 169 -8.31 10.20 -27.39
CA TYR A 169 -9.46 10.60 -26.54
C TYR A 169 -10.70 10.71 -27.42
N THR A 170 -11.83 10.64 -26.75
CA THR A 170 -13.18 10.77 -27.32
C THR A 170 -13.83 11.96 -26.64
N VAL A 171 -14.55 12.78 -27.39
CA VAL A 171 -15.31 13.92 -26.83
C VAL A 171 -16.78 13.59 -27.07
N ARG A 172 -17.57 13.62 -26.00
CA ARG A 172 -19.02 13.36 -26.06
C ARG A 172 -19.76 14.59 -25.56
N LYS A 173 -20.75 15.06 -26.31
CA LYS A 173 -21.59 16.21 -25.94
C LYS A 173 -22.94 15.65 -25.55
N PHE A 174 -23.48 16.18 -24.46
CA PHE A 174 -24.80 15.78 -23.94
C PHE A 174 -25.59 17.04 -23.59
N CYS A 175 -26.90 16.99 -23.81
N CYS A 175 -26.88 16.96 -23.81
CA CYS A 175 -27.84 18.00 -23.30
CA CYS A 175 -27.86 17.95 -23.34
C CYS A 175 -28.46 17.38 -22.05
C CYS A 175 -28.46 17.38 -22.06
N ILE A 176 -28.28 18.04 -20.91
CA ILE A 176 -28.81 17.56 -19.62
C ILE A 176 -29.83 18.55 -19.07
N GLN A 177 -30.77 18.03 -18.31
CA GLN A 177 -31.85 18.83 -17.72
C GLN A 177 -32.41 18.10 -16.51
N GLN A 178 -32.57 18.82 -15.40
CA GLN A 178 -33.26 18.26 -14.21
C GLN A 178 -34.76 18.31 -14.57
N VAL A 179 -35.43 17.18 -14.44
CA VAL A 179 -36.87 17.03 -14.82
C VAL A 179 -37.65 16.60 -13.58
N GLY A 180 -38.97 16.44 -13.72
CA GLY A 180 -39.85 15.88 -12.67
C GLY A 180 -40.70 16.93 -11.94
N ASP A 181 -40.49 18.23 -12.19
CA ASP A 181 -41.26 19.33 -11.56
C ASP A 181 -41.77 20.25 -12.67
N MET A 182 -43.06 20.16 -13.01
CA MET A 182 -43.72 20.97 -14.07
C MET A 182 -43.73 22.47 -13.73
N THR A 183 -43.75 22.81 -12.43
CA THR A 183 -43.77 24.21 -11.92
C THR A 183 -42.35 24.79 -11.87
N ASN A 184 -41.30 23.97 -12.03
CA ASN A 184 -39.90 24.45 -12.04
C ASN A 184 -39.12 23.74 -13.14
N ARG A 185 -39.35 24.16 -14.40
CA ARG A 185 -38.62 23.64 -15.57
C ARG A 185 -37.32 24.44 -15.74
N LYS A 186 -36.17 23.89 -15.36
CA LYS A 186 -34.86 24.58 -15.51
CA LYS A 186 -34.86 24.59 -15.51
C LYS A 186 -34.39 24.43 -16.96
N PRO A 187 -33.68 25.43 -17.53
CA PRO A 187 -33.18 25.31 -18.89
C PRO A 187 -32.13 24.20 -19.00
N GLN A 188 -32.03 23.61 -20.19
CA GLN A 188 -31.08 22.51 -20.49
C GLN A 188 -29.67 23.09 -20.51
N ARG A 189 -28.68 22.22 -20.31
CA ARG A 189 -27.26 22.61 -20.29
C ARG A 189 -26.50 21.67 -21.24
N LEU A 190 -25.60 22.23 -22.04
CA LEU A 190 -24.70 21.41 -22.90
C LEU A 190 -23.48 21.02 -22.07
N ILE A 191 -23.34 19.72 -21.81
CA ILE A 191 -22.21 19.07 -21.08
C ILE A 191 -21.24 18.51 -22.12
N THR A 192 -19.94 18.68 -21.88
CA THR A 192 -18.92 18.04 -22.73
C THR A 192 -18.11 17.12 -21.84
N GLN A 193 -18.07 15.84 -22.22
CA GLN A 193 -17.24 14.82 -21.56
C GLN A 193 -15.98 14.63 -22.42
N PHE A 194 -14.83 14.84 -21.79
CA PHE A 194 -13.51 14.56 -22.40
C PHE A 194 -13.05 13.23 -21.84
N HIS A 195 -13.00 12.20 -22.69
CA HIS A 195 -12.67 10.82 -22.28
C HIS A 195 -11.29 10.46 -22.81
N PHE A 196 -10.30 10.42 -21.93
CA PHE A 196 -8.92 9.99 -22.26
C PHE A 196 -8.93 8.45 -22.36
N THR A 197 -8.68 7.89 -23.54
CA THR A 197 -8.81 6.43 -23.83
C THR A 197 -7.45 5.78 -24.10
N SER A 198 -6.35 6.54 -23.99
CA SER A 198 -5.02 6.13 -24.46
C SER A 198 -4.03 5.95 -23.29
N TRP A 199 -4.54 5.81 -22.07
CA TRP A 199 -3.66 5.45 -20.93
C TRP A 199 -3.64 3.92 -20.91
N PRO A 200 -2.46 3.28 -21.11
CA PRO A 200 -2.40 1.81 -21.17
C PRO A 200 -2.65 1.16 -19.80
N ASP A 201 -3.05 -0.12 -19.80
CA ASP A 201 -3.36 -0.90 -18.57
C ASP A 201 -2.13 -1.03 -17.68
N PHE A 202 -0.95 -1.11 -18.28
CA PHE A 202 0.36 -1.11 -17.58
C PHE A 202 1.17 0.08 -18.09
N GLY A 203 1.85 0.76 -17.17
CA GLY A 203 2.76 1.88 -17.48
C GLY A 203 1.97 3.16 -17.74
N VAL A 204 2.54 4.01 -18.60
CA VAL A 204 1.99 5.36 -18.91
C VAL A 204 2.00 5.53 -20.43
N PRO A 205 1.27 6.51 -20.99
CA PRO A 205 1.29 6.74 -22.44
C PRO A 205 2.74 6.83 -22.95
N PHE A 206 2.97 6.32 -24.17
CA PHE A 206 4.34 6.25 -24.77
C PHE A 206 4.84 7.67 -25.10
N THR A 207 3.92 8.64 -25.18
CA THR A 207 4.24 10.08 -25.32
C THR A 207 3.29 10.88 -24.45
N PRO A 208 3.72 12.02 -23.88
CA PRO A 208 2.80 12.91 -23.16
C PRO A 208 1.96 13.84 -24.05
N ILE A 209 2.21 13.90 -25.37
CA ILE A 209 1.56 14.92 -26.23
C ILE A 209 0.04 14.73 -26.26
N GLY A 210 -0.45 13.48 -26.24
CA GLY A 210 -1.89 13.20 -26.21
C GLY A 210 -2.55 13.86 -25.02
N MET A 211 -1.96 13.69 -23.83
CA MET A 211 -2.45 14.28 -22.56
C MET A 211 -2.40 15.81 -22.66
N LEU A 212 -1.32 16.39 -23.21
CA LEU A 212 -1.24 17.87 -23.36
C LEU A 212 -2.32 18.39 -24.31
N LYS A 213 -2.58 17.68 -25.41
CA LYS A 213 -3.61 18.11 -26.41
C LYS A 213 -4.99 17.99 -25.78
N PHE A 214 -5.21 16.91 -25.01
CA PHE A 214 -6.43 16.63 -24.23
C PHE A 214 -6.71 17.80 -23.27
N LEU A 215 -5.71 18.17 -22.48
N LEU A 215 -5.70 18.17 -22.47
CA LEU A 215 -5.82 19.28 -21.51
CA LEU A 215 -5.77 19.30 -21.49
C LEU A 215 -6.15 20.59 -22.23
C LEU A 215 -6.15 20.59 -22.23
N LYS A 216 -5.49 20.86 -23.37
CA LYS A 216 -5.74 22.08 -24.19
C LYS A 216 -7.22 22.15 -24.60
N LYS A 217 -7.79 21.04 -25.07
CA LYS A 217 -9.21 20.97 -25.52
C LYS A 217 -10.14 21.20 -24.33
N VAL A 218 -9.85 20.58 -23.19
CA VAL A 218 -10.67 20.77 -21.96
C VAL A 218 -10.72 22.27 -21.64
N LYS A 219 -9.55 22.90 -21.59
CA LYS A 219 -9.43 24.33 -21.21
C LYS A 219 -10.17 25.21 -22.22
N ALA A 220 -10.03 24.94 -23.52
CA ALA A 220 -10.65 25.73 -24.60
C ALA A 220 -12.19 25.61 -24.53
N CYS A 221 -12.70 24.48 -24.06
CA CYS A 221 -14.14 24.13 -24.12
C CYS A 221 -14.92 24.54 -22.87
N ASN A 222 -14.29 24.56 -21.69
CA ASN A 222 -15.03 24.86 -20.44
C ASN A 222 -15.54 26.30 -20.52
N PRO A 223 -16.86 26.54 -20.49
CA PRO A 223 -17.38 27.91 -20.62
C PRO A 223 -17.35 28.76 -19.35
N GLN A 224 -17.51 30.07 -19.53
CA GLN A 224 -17.75 31.01 -18.42
C GLN A 224 -19.03 30.60 -17.70
N TYR A 225 -19.16 30.94 -16.42
CA TYR A 225 -20.36 30.76 -15.57
C TYR A 225 -20.46 29.31 -15.09
N ALA A 226 -19.73 28.35 -15.66
CA ALA A 226 -19.81 26.94 -15.22
C ALA A 226 -19.17 26.78 -13.84
N GLY A 227 -19.66 25.79 -13.11
CA GLY A 227 -19.07 25.34 -11.84
C GLY A 227 -17.82 24.51 -12.09
N ALA A 228 -17.36 23.83 -11.04
CA ALA A 228 -16.09 23.08 -11.05
C ALA A 228 -16.09 22.04 -12.18
N ILE A 229 -14.96 21.92 -12.86
CA ILE A 229 -14.72 20.82 -13.83
C ILE A 229 -14.60 19.52 -13.02
N VAL A 230 -15.37 18.52 -13.37
CA VAL A 230 -15.33 17.19 -12.69
C VAL A 230 -14.33 16.30 -13.42
N VAL A 231 -13.33 15.84 -12.67
CA VAL A 231 -12.24 14.96 -13.17
C VAL A 231 -12.39 13.66 -12.39
N HIS A 232 -12.44 12.54 -13.09
CA HIS A 232 -12.55 11.22 -12.45
C HIS A 232 -11.78 10.15 -13.22
N CYS A 233 -11.34 9.15 -12.48
CA CYS A 233 -10.79 7.89 -13.04
C CYS A 233 -11.63 6.78 -12.41
N SER A 234 -11.02 5.82 -11.70
CA SER A 234 -11.75 4.78 -10.93
C SER A 234 -11.84 5.29 -9.48
N ALA A 235 -10.73 5.29 -8.74
CA ALA A 235 -10.75 5.72 -7.32
C ALA A 235 -10.85 7.25 -7.24
N GLY A 236 -10.43 7.99 -8.28
CA GLY A 236 -10.51 9.46 -8.34
C GLY A 236 -9.34 10.16 -7.68
N VAL A 237 -8.16 9.53 -7.62
CA VAL A 237 -6.95 10.16 -7.03
C VAL A 237 -5.72 10.07 -7.94
N GLY A 238 -5.57 9.01 -8.75
CA GLY A 238 -4.30 8.71 -9.45
C GLY A 238 -4.14 9.49 -10.75
N ARG A 239 -4.73 8.98 -11.81
CA ARG A 239 -4.72 9.69 -13.12
C ARG A 239 -5.47 11.01 -12.97
N THR A 240 -6.49 11.06 -12.11
CA THR A 240 -7.22 12.32 -11.78
C THR A 240 -6.22 13.36 -11.25
N GLY A 241 -5.36 12.95 -10.31
CA GLY A 241 -4.32 13.83 -9.77
C GLY A 241 -3.35 14.25 -10.87
N THR A 242 -2.90 13.31 -11.70
CA THR A 242 -1.96 13.59 -12.81
C THR A 242 -2.52 14.73 -13.67
N PHE A 243 -3.79 14.64 -14.07
CA PHE A 243 -4.44 15.66 -14.92
C PHE A 243 -4.44 17.04 -14.25
N VAL A 244 -4.90 17.11 -13.01
CA VAL A 244 -5.04 18.37 -12.24
C VAL A 244 -3.66 18.99 -12.03
N VAL A 245 -2.65 18.17 -11.72
CA VAL A 245 -1.29 18.70 -11.42
C VAL A 245 -0.65 19.22 -12.71
N ILE A 246 -0.80 18.54 -13.84
CA ILE A 246 -0.25 19.03 -15.13
C ILE A 246 -0.84 20.41 -15.42
N ASP A 247 -2.17 20.55 -15.33
CA ASP A 247 -2.89 21.82 -15.55
C ASP A 247 -2.28 22.94 -14.68
N ALA A 248 -2.14 22.69 -13.38
CA ALA A 248 -1.61 23.69 -12.42
C ALA A 248 -0.16 24.00 -12.72
N MET A 249 0.64 23.00 -13.05
CA MET A 249 2.10 23.20 -13.25
C MET A 249 2.36 23.88 -14.60
N LEU A 250 1.51 23.67 -15.61
CA LEU A 250 1.62 24.43 -16.89
C LEU A 250 1.39 25.91 -16.59
N ASP A 251 0.42 26.23 -15.73
CA ASP A 251 0.13 27.63 -15.32
C ASP A 251 1.34 28.22 -14.58
N MET A 252 1.91 27.46 -13.65
CA MET A 252 3.10 27.88 -12.86
C MET A 252 4.29 28.11 -13.80
N MET A 253 4.49 27.21 -14.77
CA MET A 253 5.58 27.33 -15.78
C MET A 253 5.40 28.65 -16.54
N HIS A 254 4.18 28.96 -16.99
CA HIS A 254 3.88 30.19 -17.77
C HIS A 254 4.08 31.43 -16.89
N THR A 255 3.64 31.42 -15.64
CA THR A 255 3.65 32.61 -14.72
C THR A 255 5.03 32.83 -14.09
N GLU A 256 5.70 31.78 -13.59
CA GLU A 256 6.94 31.91 -12.80
C GLU A 256 8.17 31.38 -13.52
N ARG A 257 8.03 30.72 -14.68
CA ARG A 257 9.15 30.02 -15.36
C ARG A 257 9.79 29.04 -14.37
N LYS A 258 8.95 28.38 -13.57
CA LYS A 258 9.32 27.35 -12.58
C LYS A 258 8.21 26.30 -12.47
N VAL A 259 8.55 25.11 -11.99
CA VAL A 259 7.56 24.07 -11.60
C VAL A 259 7.87 23.68 -10.17
N ASP A 260 6.85 23.22 -9.45
CA ASP A 260 6.96 22.72 -8.07
C ASP A 260 5.97 21.57 -7.91
N VAL A 261 6.27 20.45 -8.56
CA VAL A 261 5.38 19.25 -8.57
C VAL A 261 5.25 18.73 -7.13
N TYR A 262 6.37 18.59 -6.43
CA TYR A 262 6.38 18.11 -5.02
C TYR A 262 5.49 19.00 -4.17
N GLY A 263 5.69 20.31 -4.23
CA GLY A 263 4.92 21.29 -3.42
C GLY A 263 3.45 21.28 -3.78
N PHE A 264 3.13 21.28 -5.07
CA PHE A 264 1.72 21.32 -5.52
C PHE A 264 0.99 20.01 -5.15
N VAL A 265 1.62 18.86 -5.36
CA VAL A 265 1.00 17.55 -5.01
C VAL A 265 0.76 17.54 -3.49
N SER A 266 1.75 17.97 -2.71
CA SER A 266 1.63 18.07 -1.23
C SER A 266 0.38 18.90 -0.88
N ARG A 267 0.23 20.06 -1.52
CA ARG A 267 -0.85 21.06 -1.27
C ARG A 267 -2.22 20.46 -1.58
N ILE A 268 -2.40 19.81 -2.73
CA ILE A 268 -3.75 19.27 -3.10
C ILE A 268 -4.06 18.03 -2.23
N ARG A 269 -3.05 17.39 -1.62
CA ARG A 269 -3.32 16.29 -0.66
C ARG A 269 -3.97 16.81 0.64
N ALA A 270 -3.97 18.12 0.89
CA ALA A 270 -4.78 18.72 1.97
C ALA A 270 -6.28 18.51 1.65
N GLN A 271 -6.64 18.44 0.36
CA GLN A 271 -8.05 18.35 -0.09
C GLN A 271 -8.49 16.90 -0.36
N ARG A 272 -7.59 16.02 -0.79
CA ARG A 272 -8.00 14.62 -1.09
C ARG A 272 -6.80 13.70 -0.94
N CYS A 273 -7.02 12.54 -0.33
CA CYS A 273 -5.99 11.53 -0.08
C CYS A 273 -5.38 11.02 -1.40
N GLN A 274 -4.08 10.72 -1.37
CA GLN A 274 -3.36 9.95 -2.40
C GLN A 274 -3.40 10.59 -3.80
N MET A 275 -3.62 11.92 -3.88
CA MET A 275 -3.61 12.58 -5.21
C MET A 275 -2.24 12.32 -5.84
N VAL A 276 -2.25 11.76 -7.06
CA VAL A 276 -1.07 11.18 -7.76
C VAL A 276 -0.69 9.94 -6.93
N GLN A 277 -1.20 8.79 -7.36
CA GLN A 277 -1.27 7.56 -6.54
C GLN A 277 -0.04 6.68 -6.71
N THR A 278 0.68 6.77 -7.82
CA THR A 278 1.86 5.91 -8.12
C THR A 278 3.04 6.75 -8.57
N ASP A 279 4.24 6.21 -8.38
CA ASP A 279 5.50 6.83 -8.83
C ASP A 279 5.43 7.08 -10.34
N MET A 280 4.87 6.16 -11.12
CA MET A 280 4.84 6.30 -12.60
CA MET A 280 4.81 6.28 -12.61
C MET A 280 3.90 7.45 -13.01
N GLN A 281 2.77 7.64 -12.30
CA GLN A 281 1.88 8.79 -12.53
C GLN A 281 2.66 10.09 -12.22
N TYR A 282 3.43 10.08 -11.13
CA TYR A 282 4.24 11.24 -10.66
C TYR A 282 5.28 11.62 -11.72
N VAL A 283 6.00 10.63 -12.23
CA VAL A 283 7.04 10.81 -13.30
C VAL A 283 6.37 11.36 -14.57
N PHE A 284 5.21 10.81 -14.95
CA PHE A 284 4.48 11.24 -16.17
C PHE A 284 4.13 12.73 -16.11
N ILE A 285 3.83 13.28 -14.92
CA ILE A 285 3.60 14.75 -14.74
C ILE A 285 4.85 15.49 -15.24
N TYR A 286 6.02 15.11 -14.73
CA TYR A 286 7.31 15.74 -15.11
C TYR A 286 7.54 15.59 -16.62
N GLN A 287 7.24 14.41 -17.18
CA GLN A 287 7.42 14.13 -18.63
C GLN A 287 6.54 15.09 -19.44
N ALA A 288 5.29 15.30 -19.02
CA ALA A 288 4.33 16.20 -19.71
C ALA A 288 4.84 17.65 -19.65
N LEU A 289 5.31 18.09 -18.48
CA LEU A 289 5.84 19.47 -18.31
C LEU A 289 7.06 19.65 -19.22
N LEU A 290 7.97 18.65 -19.26
CA LEU A 290 9.16 18.71 -20.11
C LEU A 290 8.75 18.77 -21.58
N GLU A 291 7.76 17.96 -21.96
CA GLU A 291 7.24 17.90 -23.36
C GLU A 291 6.80 19.32 -23.76
N HIS A 292 6.05 19.99 -22.88
CA HIS A 292 5.56 21.35 -23.15
C HIS A 292 6.76 22.29 -23.26
N TYR A 293 7.69 22.23 -22.30
CA TYR A 293 8.86 23.14 -22.25
C TYR A 293 9.76 22.99 -23.48
N LEU A 294 10.07 21.75 -23.89
CA LEU A 294 11.03 21.50 -25.00
C LEU A 294 10.42 21.82 -26.36
N TYR A 295 9.15 21.49 -26.58
CA TYR A 295 8.56 21.51 -27.95
C TYR A 295 7.46 22.55 -28.11
N GLY A 296 6.82 22.99 -27.03
CA GLY A 296 5.69 23.94 -27.08
C GLY A 296 4.61 23.44 -28.03
N ASP A 297 3.86 24.35 -28.64
CA ASP A 297 2.77 24.05 -29.58
C ASP A 297 3.35 24.06 -31.00
N THR A 298 3.36 22.91 -31.67
CA THR A 298 3.86 22.74 -33.06
C THR A 298 2.67 22.53 -34.02
N GLU A 299 1.43 22.64 -33.55
CA GLU A 299 0.26 22.56 -34.46
C GLU A 299 0.18 23.84 -35.27
N LEU A 300 -0.12 23.69 -36.55
CA LEU A 300 -0.25 24.80 -37.52
C LEU A 300 -1.61 24.70 -38.19
N GLU A 301 -2.32 25.81 -38.23
CA GLU A 301 -3.49 25.94 -39.14
C GLU A 301 -2.88 25.94 -40.54
N VAL A 302 -3.59 25.37 -41.53
CA VAL A 302 -3.13 25.30 -42.95
C VAL A 302 -2.72 26.70 -43.45
N THR A 303 -3.42 27.76 -43.07
CA THR A 303 -3.12 29.15 -43.50
C THR A 303 -1.77 29.65 -42.93
N SER A 304 -1.19 28.96 -41.94
CA SER A 304 0.13 29.32 -41.34
C SER A 304 1.27 28.53 -42.00
N LEU A 305 0.97 27.58 -42.90
CA LEU A 305 1.98 26.62 -43.41
C LEU A 305 3.03 27.34 -44.25
N GLU A 306 2.63 28.28 -45.10
CA GLU A 306 3.58 29.00 -46.01
C GLU A 306 4.64 29.72 -45.16
N THR A 307 4.22 30.43 -44.13
CA THR A 307 5.10 31.13 -43.15
C THR A 307 6.02 30.10 -42.50
N HIS A 308 5.47 28.97 -42.05
CA HIS A 308 6.27 27.90 -41.40
C HIS A 308 7.34 27.37 -42.37
N LEU A 309 6.95 27.08 -43.62
CA LEU A 309 7.87 26.51 -44.64
C LEU A 309 8.99 27.50 -44.98
N GLN A 310 8.71 28.81 -45.01
CA GLN A 310 9.76 29.86 -45.17
C GLN A 310 10.81 29.69 -44.06
N LYS A 311 10.38 29.46 -42.81
CA LYS A 311 11.28 29.21 -41.65
C LYS A 311 12.06 27.90 -41.83
N ILE A 312 11.35 26.80 -42.09
CA ILE A 312 11.87 25.39 -42.23
C ILE A 312 12.97 25.33 -43.29
N TYR A 313 12.73 25.92 -44.47
CA TYR A 313 13.62 25.74 -45.64
C TYR A 313 14.76 26.75 -45.65
N ASN A 314 14.76 27.72 -44.73
CA ASN A 314 15.83 28.76 -44.70
C ASN A 314 16.63 28.62 -43.41
N LYS A 315 17.86 29.16 -43.44
CA LYS A 315 18.77 29.21 -42.27
C LYS A 315 18.08 29.88 -41.08
N ILE A 316 18.21 29.29 -39.90
CA ILE A 316 17.75 29.93 -38.63
C ILE A 316 18.78 31.00 -38.30
N PRO A 317 18.38 32.30 -38.17
CA PRO A 317 19.33 33.37 -37.87
C PRO A 317 20.23 33.08 -36.66
N GLY A 318 21.53 33.37 -36.84
CA GLY A 318 22.55 33.18 -35.80
C GLY A 318 23.03 31.73 -35.68
N THR A 319 22.62 30.84 -36.59
CA THR A 319 22.98 29.40 -36.56
C THR A 319 23.52 28.97 -37.92
N SER A 320 23.95 27.71 -38.03
CA SER A 320 24.42 27.08 -39.28
C SER A 320 23.43 26.01 -39.73
N ASN A 321 22.18 26.06 -39.25
CA ASN A 321 21.16 25.04 -39.64
C ASN A 321 19.87 25.75 -40.09
N ASN A 322 19.10 25.09 -40.95
CA ASN A 322 17.74 25.56 -41.34
C ASN A 322 16.74 24.99 -40.31
N GLY A 323 15.47 25.38 -40.43
CA GLY A 323 14.40 24.93 -39.53
C GLY A 323 14.16 23.44 -39.62
N LEU A 324 14.30 22.87 -40.81
CA LEU A 324 14.12 21.41 -41.03
C LEU A 324 15.15 20.65 -40.18
N GLU A 325 16.41 21.06 -40.27
CA GLU A 325 17.53 20.46 -39.51
C GLU A 325 17.32 20.66 -38.01
N GLU A 326 16.88 21.84 -37.60
CA GLU A 326 16.57 22.14 -36.17
C GLU A 326 15.53 21.13 -35.65
N GLU A 327 14.43 20.96 -36.36
CA GLU A 327 13.34 20.02 -35.96
C GLU A 327 13.90 18.59 -35.98
N PHE A 328 14.59 18.21 -37.04
CA PHE A 328 15.10 16.82 -37.21
C PHE A 328 16.07 16.49 -36.07
N LYS A 329 16.92 17.43 -35.66
CA LYS A 329 17.89 17.24 -34.55
C LYS A 329 17.14 16.94 -33.25
N LYS A 330 15.99 17.60 -33.02
CA LYS A 330 15.14 17.31 -31.83
C LYS A 330 14.61 15.87 -31.89
N LEU A 331 14.27 15.37 -33.08
CA LEU A 331 13.76 13.99 -33.29
C LEU A 331 14.86 12.96 -33.05
N THR A 332 16.08 13.19 -33.57
CA THR A 332 17.21 12.22 -33.45
C THR A 332 17.79 12.28 -32.03
N SER A 333 17.63 13.39 -31.30
CA SER A 333 18.08 13.57 -29.89
C SER A 333 17.29 12.68 -28.91
N ILE A 334 16.12 12.18 -29.32
CA ILE A 334 15.29 11.25 -28.49
C ILE A 334 16.01 9.90 -28.42
N LYS A 335 15.92 9.23 -27.27
CA LYS A 335 16.66 7.97 -26.96
C LYS A 335 15.90 6.75 -27.51
N ILE A 336 16.59 5.86 -28.24
CA ILE A 336 16.06 4.53 -28.66
C ILE A 336 16.10 3.68 -27.38
N GLN A 337 14.97 3.13 -26.95
CA GLN A 337 14.82 2.40 -25.65
C GLN A 337 15.29 0.94 -25.83
N ASN A 338 16.60 0.69 -25.64
CA ASN A 338 17.29 -0.62 -25.84
C ASN A 338 16.71 -1.71 -24.92
N ASP A 339 16.22 -1.37 -23.73
CA ASP A 339 15.65 -2.34 -22.76
C ASP A 339 14.26 -2.79 -23.19
N LYS A 340 13.61 -2.11 -24.14
CA LYS A 340 12.28 -2.47 -24.71
C LYS A 340 12.42 -3.36 -25.96
N MET A 341 13.62 -3.55 -26.51
CA MET A 341 13.84 -4.27 -27.79
C MET A 341 14.41 -5.68 -27.52
N ARG A 342 13.96 -6.35 -26.46
CA ARG A 342 14.54 -7.65 -26.00
C ARG A 342 14.14 -8.80 -26.92
N THR A 343 12.85 -8.95 -27.25
CA THR A 343 12.34 -10.15 -27.96
C THR A 343 13.03 -10.31 -29.32
N GLY A 344 13.12 -9.25 -30.13
CA GLY A 344 13.82 -9.28 -31.43
C GLY A 344 15.31 -9.58 -31.29
N ASN A 345 15.91 -9.26 -30.14
CA ASN A 345 17.36 -9.49 -29.85
C ASN A 345 17.64 -10.89 -29.30
N LEU A 346 16.62 -11.72 -29.03
CA LEU A 346 16.85 -13.11 -28.58
C LEU A 346 17.59 -13.86 -29.70
N PRO A 347 18.65 -14.65 -29.38
CA PRO A 347 19.36 -15.45 -30.39
C PRO A 347 18.50 -16.14 -31.45
N ALA A 348 17.40 -16.79 -31.04
CA ALA A 348 16.46 -17.50 -31.93
C ALA A 348 15.76 -16.54 -32.92
N ASN A 349 15.64 -15.25 -32.59
CA ASN A 349 14.93 -14.25 -33.43
C ASN A 349 15.90 -13.36 -34.21
N MET A 350 17.20 -13.32 -33.88
CA MET A 350 18.16 -12.34 -34.51
C MET A 350 18.16 -12.46 -36.04
N LYS A 351 18.11 -13.68 -36.58
CA LYS A 351 18.14 -13.94 -38.05
C LYS A 351 16.83 -13.51 -38.73
N LYS A 352 15.77 -13.21 -37.97
CA LYS A 352 14.44 -12.79 -38.52
C LYS A 352 14.41 -11.28 -38.78
N ASN A 353 15.50 -10.57 -38.45
CA ASN A 353 15.65 -9.09 -38.56
C ASN A 353 16.61 -8.77 -39.70
N ARG A 354 16.26 -7.79 -40.54
CA ARG A 354 17.13 -7.29 -41.63
C ARG A 354 18.21 -6.38 -41.01
N VAL A 355 17.80 -5.52 -40.08
CA VAL A 355 18.68 -4.50 -39.46
C VAL A 355 18.46 -4.57 -37.94
N LEU A 356 19.55 -4.84 -37.21
CA LEU A 356 19.62 -5.06 -35.74
C LEU A 356 19.01 -3.86 -35.00
N GLN A 357 19.34 -2.64 -35.41
CA GLN A 357 18.91 -1.40 -34.71
CA GLN A 357 18.91 -1.38 -34.72
C GLN A 357 17.43 -1.10 -34.98
N ILE A 358 16.82 -1.74 -36.00
CA ILE A 358 15.37 -1.54 -36.32
C ILE A 358 14.61 -2.82 -35.98
N ILE A 359 14.22 -2.96 -34.72
CA ILE A 359 13.38 -4.09 -34.23
C ILE A 359 12.33 -3.52 -33.30
N PRO A 360 11.22 -4.24 -33.05
CA PRO A 360 10.11 -3.66 -32.31
C PRO A 360 10.44 -3.45 -30.83
N TYR A 361 9.81 -2.43 -30.26
CA TYR A 361 9.67 -2.24 -28.80
C TYR A 361 8.65 -3.27 -28.32
N GLU A 362 8.78 -3.75 -27.08
CA GLU A 362 7.93 -4.84 -26.56
CA GLU A 362 7.92 -4.85 -26.56
C GLU A 362 6.45 -4.41 -26.52
N PHE A 363 6.17 -3.17 -26.06
CA PHE A 363 4.79 -2.69 -25.75
C PHE A 363 3.85 -2.75 -26.96
N ASN A 364 4.36 -2.62 -28.19
CA ASN A 364 3.51 -2.62 -29.41
C ASN A 364 4.03 -3.59 -30.47
N ARG A 365 4.89 -4.53 -30.10
CA ARG A 365 5.39 -5.61 -31.00
C ARG A 365 4.18 -6.37 -31.54
N VAL A 366 4.16 -6.68 -32.84
CA VAL A 366 3.05 -7.46 -33.48
C VAL A 366 3.30 -8.93 -33.13
N ILE A 367 2.45 -9.52 -32.29
CA ILE A 367 2.55 -10.92 -31.81
C ILE A 367 1.73 -11.81 -32.75
N ILE A 368 2.31 -12.92 -33.19
CA ILE A 368 1.60 -13.91 -34.06
C ILE A 368 1.46 -15.21 -33.28
N PRO A 369 0.51 -16.10 -33.67
CA PRO A 369 0.33 -17.39 -33.01
C PRO A 369 1.62 -18.24 -33.04
N VAL A 370 1.91 -18.93 -31.94
CA VAL A 370 3.07 -19.88 -31.84
C VAL A 370 2.76 -21.04 -32.78
N LYS A 371 3.67 -21.38 -33.69
CA LYS A 371 3.43 -22.45 -34.71
C LYS A 371 3.59 -23.80 -34.00
N ARG A 372 2.52 -24.59 -33.96
CA ARG A 372 2.49 -25.92 -33.31
C ARG A 372 3.06 -25.81 -31.89
N GLY A 373 4.24 -26.39 -31.69
CA GLY A 373 4.95 -26.42 -30.39
C GLY A 373 6.40 -26.07 -30.61
N GLU A 374 6.64 -24.88 -31.17
CA GLU A 374 7.97 -24.32 -31.51
C GLU A 374 8.15 -23.03 -30.72
N GLU A 375 9.23 -22.90 -29.95
CA GLU A 375 9.49 -21.67 -29.16
C GLU A 375 10.03 -20.59 -30.11
N ASN A 376 9.83 -19.32 -29.74
CA ASN A 376 10.31 -18.10 -30.43
C ASN A 376 9.62 -17.92 -31.80
N THR A 377 8.49 -18.59 -32.03
CA THR A 377 7.72 -18.57 -33.31
C THR A 377 6.57 -17.56 -33.25
N ASP A 378 6.47 -16.76 -32.18
CA ASP A 378 5.47 -15.69 -32.02
C ASP A 378 6.03 -14.36 -32.57
N TYR A 379 7.27 -14.33 -33.09
CA TYR A 379 8.01 -13.09 -33.44
C TYR A 379 8.02 -12.78 -34.93
N VAL A 380 7.65 -11.53 -35.25
CA VAL A 380 7.89 -10.87 -36.56
C VAL A 380 8.45 -9.47 -36.27
N ASN A 381 9.30 -8.98 -37.16
CA ASN A 381 9.85 -7.62 -37.03
C ASN A 381 8.78 -6.66 -37.59
N ALA A 382 7.83 -6.33 -36.72
CA ALA A 382 6.69 -5.45 -37.05
C ALA A 382 6.13 -4.84 -35.75
N SER A 383 5.63 -3.61 -35.86
CA SER A 383 5.15 -2.76 -34.75
C SER A 383 3.77 -2.21 -35.09
N PHE A 384 2.86 -2.22 -34.11
CA PHE A 384 1.57 -1.53 -34.23
C PHE A 384 1.82 -0.05 -34.02
N ILE A 385 1.22 0.77 -34.88
CA ILE A 385 1.35 2.24 -34.90
C ILE A 385 -0.03 2.89 -34.83
N ASP A 386 -0.18 3.84 -33.91
CA ASP A 386 -1.41 4.65 -33.76
C ASP A 386 -1.55 5.58 -34.97
N GLY A 387 -2.78 5.68 -35.50
CA GLY A 387 -3.14 6.62 -36.57
C GLY A 387 -3.81 7.87 -36.01
N TYR A 388 -4.61 8.53 -36.84
CA TYR A 388 -5.34 9.76 -36.46
C TYR A 388 -6.54 9.44 -35.57
N ARG A 389 -7.34 8.44 -35.95
CA ARG A 389 -8.63 8.13 -35.28
CA ARG A 389 -8.64 8.12 -35.29
C ARG A 389 -8.56 6.81 -34.50
N GLN A 390 -7.80 5.84 -35.00
CA GLN A 390 -7.77 4.47 -34.44
C GLN A 390 -6.37 4.08 -33.94
N LYS A 391 -6.36 3.40 -32.80
CA LYS A 391 -5.14 2.76 -32.29
C LYS A 391 -4.79 1.62 -33.26
N ASP A 392 -3.51 1.30 -33.41
CA ASP A 392 -3.05 0.16 -34.26
C ASP A 392 -3.60 0.35 -35.69
N SER A 393 -3.53 1.57 -36.22
CA SER A 393 -3.95 1.91 -37.60
C SER A 393 -3.02 1.22 -38.60
N TYR A 394 -1.73 1.15 -38.29
CA TYR A 394 -0.72 0.60 -39.22
C TYR A 394 0.06 -0.51 -38.51
N ILE A 395 0.50 -1.47 -39.31
CA ILE A 395 1.58 -2.41 -38.93
C ILE A 395 2.79 -1.91 -39.72
N ALA A 396 3.78 -1.38 -39.02
CA ALA A 396 5.07 -0.94 -39.59
C ALA A 396 5.97 -2.17 -39.55
N SER A 397 6.20 -2.78 -40.70
CA SER A 397 6.88 -4.10 -40.85
C SER A 397 8.12 -3.99 -41.73
N GLN A 398 9.15 -4.76 -41.41
CA GLN A 398 10.24 -4.95 -42.40
C GLN A 398 9.62 -5.73 -43.57
N GLY A 399 10.23 -5.61 -44.74
CA GLY A 399 9.90 -6.48 -45.86
C GLY A 399 10.40 -7.88 -45.54
N PRO A 400 9.64 -8.93 -45.84
CA PRO A 400 10.08 -10.27 -45.48
C PRO A 400 11.39 -10.70 -46.13
N LEU A 401 12.13 -11.51 -45.38
CA LEU A 401 13.28 -12.29 -45.87
C LEU A 401 12.70 -13.58 -46.45
N LEU A 402 13.45 -14.31 -47.28
CA LEU A 402 12.97 -15.59 -47.88
C LEU A 402 12.39 -16.48 -46.76
N HIS A 403 13.09 -16.58 -45.63
CA HIS A 403 12.75 -17.45 -44.47
C HIS A 403 11.74 -16.81 -43.51
N THR A 404 11.23 -15.59 -43.77
CA THR A 404 10.15 -14.98 -42.92
C THR A 404 8.87 -14.71 -43.74
N ILE A 405 8.80 -15.09 -45.01
CA ILE A 405 7.57 -14.87 -45.84
C ILE A 405 6.38 -15.55 -45.16
N GLU A 406 6.55 -16.78 -44.67
CA GLU A 406 5.45 -17.53 -44.01
C GLU A 406 4.98 -16.76 -42.78
N ASP A 407 5.90 -16.28 -41.94
CA ASP A 407 5.60 -15.47 -40.72
C ASP A 407 4.87 -14.17 -41.11
N PHE A 408 5.31 -13.53 -42.19
CA PHE A 408 4.72 -12.29 -42.73
C PHE A 408 3.24 -12.54 -43.05
N TRP A 409 2.94 -13.63 -43.76
CA TRP A 409 1.55 -13.99 -44.13
C TRP A 409 0.74 -14.38 -42.90
N ARG A 410 1.34 -15.11 -41.95
CA ARG A 410 0.66 -15.47 -40.68
CA ARG A 410 0.65 -15.47 -40.68
C ARG A 410 0.28 -14.19 -39.94
N MET A 411 1.16 -13.19 -39.97
CA MET A 411 0.92 -11.86 -39.35
C MET A 411 -0.29 -11.20 -40.03
N ILE A 412 -0.26 -11.09 -41.37
CA ILE A 412 -1.32 -10.44 -42.18
C ILE A 412 -2.66 -11.14 -41.87
N TRP A 413 -2.67 -12.48 -41.86
CA TRP A 413 -3.90 -13.24 -41.60
C TRP A 413 -4.40 -13.00 -40.16
N GLU A 414 -3.51 -13.17 -39.17
CA GLU A 414 -3.84 -13.01 -37.73
C GLU A 414 -4.48 -11.64 -37.47
N TRP A 415 -3.92 -10.56 -38.03
CA TRP A 415 -4.35 -9.17 -37.70
C TRP A 415 -5.35 -8.59 -38.72
N LYS A 416 -5.81 -9.42 -39.67
CA LYS A 416 -6.98 -9.15 -40.56
C LYS A 416 -6.69 -8.03 -41.57
N SER A 417 -5.42 -7.72 -41.87
CA SER A 417 -5.07 -6.68 -42.88
C SER A 417 -5.70 -7.04 -44.22
N CYS A 418 -6.34 -6.06 -44.86
CA CYS A 418 -6.85 -6.15 -46.25
C CYS A 418 -6.08 -5.19 -47.17
N SER A 419 -5.14 -4.42 -46.61
CA SER A 419 -4.28 -3.47 -47.34
C SER A 419 -2.83 -3.76 -47.00
N ILE A 420 -2.01 -3.99 -48.02
CA ILE A 420 -0.54 -4.19 -47.90
C ILE A 420 0.10 -3.10 -48.74
N VAL A 421 0.95 -2.28 -48.13
CA VAL A 421 1.63 -1.16 -48.83
C VAL A 421 3.11 -1.51 -48.91
N MET A 422 3.61 -1.64 -50.13
CA MET A 422 5.03 -2.01 -50.38
C MET A 422 5.74 -0.78 -50.93
N LEU A 423 6.73 -0.29 -50.19
CA LEU A 423 7.44 0.99 -50.47
C LEU A 423 8.87 0.72 -50.89
N THR A 424 9.13 -0.46 -51.46
CA THR A 424 10.46 -0.81 -51.99
C THR A 424 10.28 -1.63 -53.26
N GLU A 425 11.33 -1.69 -54.07
CA GLU A 425 11.47 -2.75 -55.10
C GLU A 425 12.14 -3.93 -54.41
N LEU A 426 12.11 -5.10 -55.04
CA LEU A 426 12.73 -6.35 -54.49
C LEU A 426 14.25 -6.13 -54.39
N GLU A 427 14.82 -5.42 -55.35
CA GLU A 427 16.27 -5.07 -55.42
CA GLU A 427 16.27 -5.06 -55.41
C GLU A 427 16.41 -3.59 -55.76
N GLU A 428 17.35 -2.90 -55.11
CA GLU A 428 17.71 -1.48 -55.37
C GLU A 428 19.24 -1.37 -55.22
N ARG A 429 19.87 -0.71 -56.19
CA ARG A 429 21.34 -0.46 -56.23
CA ARG A 429 21.34 -0.47 -56.22
C ARG A 429 22.09 -1.80 -56.10
N GLY A 430 21.61 -2.84 -56.79
CA GLY A 430 22.21 -4.19 -56.80
C GLY A 430 22.14 -4.90 -55.44
N GLN A 431 21.31 -4.45 -54.50
CA GLN A 431 21.17 -5.10 -53.16
C GLN A 431 19.75 -5.62 -53.00
N GLU A 432 19.62 -6.83 -52.45
CA GLU A 432 18.29 -7.42 -52.10
C GLU A 432 17.70 -6.55 -50.99
N LYS A 433 16.45 -6.11 -51.15
CA LYS A 433 15.74 -5.27 -50.17
C LYS A 433 14.50 -5.97 -49.61
N CYS A 434 13.90 -6.87 -50.37
CA CYS A 434 12.65 -7.56 -49.99
C CYS A 434 12.55 -8.87 -50.78
N ALA A 435 12.02 -9.92 -50.16
CA ALA A 435 11.72 -11.21 -50.82
C ALA A 435 10.30 -11.10 -51.41
N GLN A 436 10.09 -11.64 -52.60
CA GLN A 436 8.75 -11.62 -53.25
C GLN A 436 7.82 -12.58 -52.49
N TYR A 437 6.71 -12.06 -51.98
CA TYR A 437 5.74 -12.78 -51.12
C TYR A 437 4.37 -12.91 -51.80
N TRP A 438 4.25 -12.48 -53.05
CA TRP A 438 3.00 -12.59 -53.85
C TRP A 438 3.34 -13.38 -55.11
N PRO A 439 2.39 -14.11 -55.71
CA PRO A 439 2.65 -14.80 -56.97
C PRO A 439 2.56 -13.80 -58.15
N SER A 440 3.50 -13.87 -59.09
CA SER A 440 3.49 -13.05 -60.33
C SER A 440 2.33 -13.51 -61.23
N ASP A 441 1.96 -14.79 -61.15
CA ASP A 441 0.73 -15.32 -61.80
C ASP A 441 0.27 -16.56 -61.04
N GLY A 442 -1.04 -16.77 -60.97
CA GLY A 442 -1.65 -17.95 -60.36
C GLY A 442 -1.48 -17.99 -58.86
N LEU A 443 -1.07 -19.14 -58.34
CA LEU A 443 -1.14 -19.54 -56.91
C LEU A 443 0.25 -19.81 -56.34
N VAL A 444 0.43 -19.45 -55.07
CA VAL A 444 1.63 -19.76 -54.25
C VAL A 444 1.13 -20.09 -52.83
N SER A 445 1.84 -20.96 -52.13
CA SER A 445 1.49 -21.43 -50.77
C SER A 445 2.66 -21.21 -49.81
N TYR A 446 2.36 -20.71 -48.61
CA TYR A 446 3.31 -20.51 -47.49
C TYR A 446 2.60 -21.07 -46.25
N GLY A 447 2.91 -22.32 -45.88
CA GLY A 447 2.24 -23.04 -44.78
C GLY A 447 0.74 -23.03 -44.99
N ASP A 448 -0.04 -22.59 -44.00
CA ASP A 448 -1.52 -22.56 -44.03
C ASP A 448 -2.08 -21.48 -44.95
N ILE A 449 -1.27 -20.55 -45.49
CA ILE A 449 -1.78 -19.41 -46.31
C ILE A 449 -1.50 -19.67 -47.81
N THR A 450 -2.56 -19.67 -48.61
CA THR A 450 -2.49 -19.71 -50.10
C THR A 450 -2.78 -18.29 -50.60
N VAL A 451 -2.02 -17.82 -51.57
CA VAL A 451 -2.17 -16.47 -52.17
C VAL A 451 -2.35 -16.66 -53.68
N GLU A 452 -3.47 -16.17 -54.21
CA GLU A 452 -3.78 -16.19 -55.66
C GLU A 452 -3.87 -14.75 -56.19
N LEU A 453 -3.22 -14.49 -57.32
CA LEU A 453 -3.29 -13.17 -57.99
C LEU A 453 -4.57 -13.14 -58.84
N LYS A 454 -5.53 -12.27 -58.48
CA LYS A 454 -6.85 -12.17 -59.18
C LYS A 454 -6.80 -11.11 -60.28
N LYS A 455 -6.23 -9.94 -60.00
CA LYS A 455 -6.21 -8.80 -60.95
C LYS A 455 -4.99 -7.91 -60.66
N GLU A 456 -4.55 -7.21 -61.69
CA GLU A 456 -3.53 -6.15 -61.53
C GLU A 456 -4.02 -4.89 -62.22
N GLU A 457 -3.79 -3.75 -61.59
CA GLU A 457 -3.95 -2.47 -62.30
C GLU A 457 -2.69 -1.64 -62.11
N GLU A 458 -2.30 -0.96 -63.17
CA GLU A 458 -1.05 -0.19 -63.24
C GLU A 458 -1.42 1.28 -63.19
N CYS A 459 -1.13 1.91 -62.05
CA CYS A 459 -1.31 3.36 -61.84
C CYS A 459 0.02 4.04 -62.13
N GLU A 460 0.00 5.36 -62.15
CA GLU A 460 1.16 6.19 -62.54
C GLU A 460 2.39 5.84 -61.68
N SER A 461 2.26 5.71 -60.36
CA SER A 461 3.41 5.48 -59.43
CA SER A 461 3.41 5.47 -59.44
C SER A 461 3.29 4.16 -58.65
N TYR A 462 2.28 3.34 -58.92
CA TYR A 462 2.11 2.07 -58.16
C TYR A 462 1.30 1.06 -58.95
N THR A 463 1.54 -0.22 -58.63
CA THR A 463 0.71 -1.36 -59.09
C THR A 463 -0.25 -1.73 -57.96
N VAL A 464 -1.52 -1.99 -58.30
CA VAL A 464 -2.49 -2.58 -57.34
C VAL A 464 -2.63 -4.06 -57.73
N ARG A 465 -2.36 -4.96 -56.78
CA ARG A 465 -2.52 -6.42 -56.98
C ARG A 465 -3.67 -6.87 -56.08
N ASP A 466 -4.75 -7.34 -56.70
CA ASP A 466 -5.89 -7.98 -56.00
C ASP A 466 -5.50 -9.43 -55.70
N LEU A 467 -5.37 -9.76 -54.42
CA LEU A 467 -4.97 -11.13 -54.00
C LEU A 467 -6.18 -11.80 -53.33
N LEU A 468 -6.42 -13.06 -53.71
CA LEU A 468 -7.36 -13.93 -52.97
C LEU A 468 -6.47 -14.71 -52.00
N VAL A 469 -6.64 -14.46 -50.72
CA VAL A 469 -5.80 -15.05 -49.65
C VAL A 469 -6.67 -16.05 -48.87
N THR A 470 -6.24 -17.30 -48.84
CA THR A 470 -7.00 -18.41 -48.21
C THR A 470 -6.16 -19.06 -47.11
N ASN A 471 -6.74 -19.10 -45.91
CA ASN A 471 -6.20 -19.92 -44.78
C ASN A 471 -6.81 -21.32 -45.00
N THR A 472 -5.99 -22.28 -45.42
CA THR A 472 -6.43 -23.66 -45.80
C THR A 472 -6.74 -24.50 -44.56
N ARG A 473 -6.22 -24.13 -43.39
CA ARG A 473 -6.57 -24.77 -42.10
C ARG A 473 -8.00 -24.36 -41.73
N GLU A 474 -8.30 -23.06 -41.82
CA GLU A 474 -9.61 -22.46 -41.42
C GLU A 474 -10.66 -22.58 -42.52
N ASN A 475 -10.26 -22.80 -43.78
CA ASN A 475 -11.14 -22.82 -44.97
C ASN A 475 -11.89 -21.47 -45.04
N LYS A 476 -11.16 -20.36 -44.91
CA LYS A 476 -11.70 -18.99 -45.04
C LYS A 476 -10.79 -18.23 -46.01
N SER A 477 -11.40 -17.37 -46.82
CA SER A 477 -10.71 -16.54 -47.84
C SER A 477 -10.99 -15.06 -47.57
N ARG A 478 -10.06 -14.20 -47.98
CA ARG A 478 -10.18 -12.72 -47.87
C ARG A 478 -9.60 -12.09 -49.13
N GLN A 479 -10.21 -10.99 -49.57
CA GLN A 479 -9.72 -10.15 -50.67
C GLN A 479 -8.71 -9.18 -50.04
N ILE A 480 -7.44 -9.28 -50.41
CA ILE A 480 -6.37 -8.41 -49.88
C ILE A 480 -5.76 -7.68 -51.07
N ARG A 481 -5.65 -6.35 -50.98
CA ARG A 481 -5.07 -5.52 -52.06
C ARG A 481 -3.65 -5.12 -51.67
N GLN A 482 -2.67 -5.41 -52.54
CA GLN A 482 -1.28 -4.97 -52.33
C GLN A 482 -1.10 -3.70 -53.18
N PHE A 483 -0.59 -2.64 -52.57
CA PHE A 483 -0.28 -1.37 -53.25
C PHE A 483 1.24 -1.31 -53.35
N HIS A 484 1.78 -1.58 -54.54
CA HIS A 484 3.25 -1.67 -54.75
C HIS A 484 3.74 -0.36 -55.33
N PHE A 485 4.31 0.51 -54.48
CA PHE A 485 4.83 1.84 -54.85
C PHE A 485 6.12 1.71 -55.65
N HIS A 486 6.16 2.31 -56.85
CA HIS A 486 7.35 2.30 -57.74
C HIS A 486 7.99 3.68 -57.76
N GLY A 487 7.40 4.68 -57.09
CA GLY A 487 7.81 6.08 -57.17
C GLY A 487 9.00 6.45 -56.28
N TRP A 488 9.54 5.54 -55.47
CA TRP A 488 10.65 5.89 -54.55
C TRP A 488 11.96 5.68 -55.30
N PRO A 489 12.80 6.72 -55.53
CA PRO A 489 14.06 6.55 -56.25
C PRO A 489 15.06 5.74 -55.42
N GLU A 490 16.08 5.18 -56.07
CA GLU A 490 17.12 4.36 -55.38
C GLU A 490 17.94 5.21 -54.41
N VAL A 491 18.12 6.49 -54.72
CA VAL A 491 18.81 7.49 -53.84
C VAL A 491 17.89 8.69 -53.70
N GLY A 492 17.85 9.27 -52.51
CA GLY A 492 17.09 10.50 -52.24
C GLY A 492 15.62 10.20 -52.05
N ILE A 493 14.80 11.20 -52.36
CA ILE A 493 13.33 11.15 -52.15
C ILE A 493 12.65 11.41 -53.49
N PRO A 494 11.37 11.02 -53.66
CA PRO A 494 10.64 11.34 -54.88
C PRO A 494 10.67 12.85 -55.14
N SER A 495 10.65 13.23 -56.42
CA SER A 495 10.74 14.64 -56.88
CA SER A 495 10.73 14.64 -56.89
C SER A 495 9.47 15.41 -56.51
N ASP A 496 8.35 14.70 -56.36
CA ASP A 496 7.05 15.31 -55.98
C ASP A 496 6.27 14.35 -55.08
N GLY A 497 5.14 14.82 -54.57
CA GLY A 497 4.27 14.07 -53.66
C GLY A 497 3.09 13.44 -54.35
N LYS A 498 2.93 13.61 -55.66
CA LYS A 498 1.73 13.15 -56.40
C LYS A 498 1.50 11.64 -56.19
N GLY A 499 2.54 10.84 -56.38
CA GLY A 499 2.45 9.37 -56.20
C GLY A 499 2.10 9.00 -54.77
N MET A 500 2.78 9.60 -53.80
CA MET A 500 2.52 9.31 -52.37
C MET A 500 1.07 9.68 -52.05
N ILE A 501 0.60 10.84 -52.52
CA ILE A 501 -0.80 11.30 -52.28
C ILE A 501 -1.75 10.25 -52.87
N SER A 502 -1.52 9.80 -54.11
CA SER A 502 -2.40 8.84 -54.80
CA SER A 502 -2.42 8.84 -54.80
C SER A 502 -2.45 7.49 -54.07
N ILE A 503 -1.29 6.99 -53.64
CA ILE A 503 -1.28 5.66 -52.98
C ILE A 503 -1.99 5.77 -51.61
N ILE A 504 -1.79 6.85 -50.86
CA ILE A 504 -2.48 7.09 -49.55
C ILE A 504 -4.00 7.09 -49.81
N ALA A 505 -4.46 7.79 -50.86
CA ALA A 505 -5.89 7.86 -51.23
C ALA A 505 -6.42 6.45 -51.58
N ALA A 506 -5.66 5.66 -52.34
CA ALA A 506 -6.04 4.30 -52.77
C ALA A 506 -6.18 3.37 -51.56
N VAL A 507 -5.25 3.49 -50.62
CA VAL A 507 -5.31 2.68 -49.36
C VAL A 507 -6.56 3.09 -48.59
N GLN A 508 -6.79 4.40 -48.42
CA GLN A 508 -7.96 4.94 -47.67
C GLN A 508 -9.23 4.36 -48.29
N LYS A 509 -9.33 4.35 -49.62
CA LYS A 509 -10.48 3.77 -50.37
C LYS A 509 -10.64 2.29 -50.02
N GLN A 510 -9.56 1.50 -50.04
CA GLN A 510 -9.61 0.04 -49.75
C GLN A 510 -10.03 -0.18 -48.29
N GLN A 511 -9.54 0.66 -47.38
CA GLN A 511 -9.84 0.55 -45.93
C GLN A 511 -11.33 0.78 -45.70
N GLN A 512 -11.86 1.86 -46.29
CA GLN A 512 -13.27 2.30 -46.13
C GLN A 512 -14.23 1.15 -46.43
N GLN A 513 -13.94 0.34 -47.46
CA GLN A 513 -14.82 -0.74 -47.95
C GLN A 513 -14.47 -2.12 -47.37
N SER A 514 -13.39 -2.29 -46.59
CA SER A 514 -12.96 -3.61 -46.07
C SER A 514 -13.01 -3.69 -44.53
N GLY A 515 -13.43 -2.64 -43.82
CA GLY A 515 -13.62 -2.69 -42.35
C GLY A 515 -12.51 -2.04 -41.53
N ASN A 516 -11.61 -1.25 -42.15
CA ASN A 516 -10.62 -0.41 -41.44
C ASN A 516 -9.75 -1.27 -40.52
N HIS A 517 -9.24 -2.39 -41.03
CA HIS A 517 -8.30 -3.28 -40.30
C HIS A 517 -6.90 -2.67 -40.37
N PRO A 518 -5.96 -3.06 -39.48
CA PRO A 518 -4.60 -2.55 -39.57
C PRO A 518 -4.03 -2.66 -40.99
N ILE A 519 -3.41 -1.60 -41.44
CA ILE A 519 -2.75 -1.51 -42.78
C ILE A 519 -1.34 -2.04 -42.59
N THR A 520 -0.97 -3.09 -43.32
CA THR A 520 0.43 -3.60 -43.30
C THR A 520 1.27 -2.72 -44.22
N VAL A 521 2.26 -2.03 -43.65
CA VAL A 521 3.14 -1.08 -44.37
C VAL A 521 4.55 -1.61 -44.25
N HIS A 522 5.25 -1.78 -45.36
CA HIS A 522 6.66 -2.23 -45.31
C HIS A 522 7.49 -1.59 -46.41
N CYS A 523 8.77 -1.49 -46.13
CA CYS A 523 9.81 -1.13 -47.11
C CYS A 523 10.82 -2.27 -47.01
N SER A 524 12.09 -1.98 -46.75
CA SER A 524 13.09 -3.04 -46.52
C SER A 524 13.18 -3.26 -45.00
N ALA A 525 13.82 -2.36 -44.25
CA ALA A 525 14.03 -2.50 -42.78
C ALA A 525 12.75 -2.16 -42.01
N GLY A 526 11.82 -1.43 -42.63
CA GLY A 526 10.49 -1.13 -42.08
C GLY A 526 10.46 0.11 -41.21
N ALA A 527 11.31 1.12 -41.47
CA ALA A 527 11.35 2.36 -40.67
C ALA A 527 11.30 3.63 -41.52
N GLY A 528 12.19 3.79 -42.51
CA GLY A 528 12.37 5.08 -43.23
C GLY A 528 11.16 5.45 -44.06
N ARG A 529 11.00 4.78 -45.19
CA ARG A 529 9.86 5.01 -46.12
C ARG A 529 8.56 4.59 -45.42
N THR A 530 8.59 3.51 -44.65
CA THR A 530 7.41 3.01 -43.88
C THR A 530 6.92 4.13 -42.96
N GLY A 531 7.85 4.73 -42.20
CA GLY A 531 7.53 5.86 -41.31
C GLY A 531 6.95 7.05 -42.05
N THR A 532 7.50 7.36 -43.22
CA THR A 532 7.03 8.47 -44.06
C THR A 532 5.57 8.23 -44.47
N PHE A 533 5.25 7.00 -44.89
CA PHE A 533 3.88 6.63 -45.32
C PHE A 533 2.91 6.74 -44.13
N CYS A 534 3.30 6.23 -42.97
CA CYS A 534 2.45 6.29 -41.75
C CYS A 534 2.23 7.77 -41.39
N ALA A 535 3.31 8.56 -41.34
CA ALA A 535 3.26 9.99 -40.96
C ALA A 535 2.29 10.71 -41.88
N LEU A 536 2.45 10.51 -43.19
CA LEU A 536 1.64 11.24 -44.20
C LEU A 536 0.18 10.76 -44.20
N SER A 537 -0.08 9.47 -43.99
CA SER A 537 -1.46 8.96 -43.90
C SER A 537 -2.17 9.68 -42.74
N THR A 538 -1.51 9.77 -41.60
CA THR A 538 -2.02 10.46 -40.38
C THR A 538 -2.18 11.97 -40.66
N VAL A 539 -1.15 12.63 -41.16
CA VAL A 539 -1.19 14.11 -41.38
C VAL A 539 -2.27 14.46 -42.40
N LEU A 540 -2.35 13.74 -43.54
CA LEU A 540 -3.35 14.07 -44.59
C LEU A 540 -4.76 13.82 -44.05
N GLU A 541 -4.99 12.73 -43.31
CA GLU A 541 -6.32 12.46 -42.72
C GLU A 541 -6.69 13.62 -41.76
N ARG A 542 -5.77 14.03 -40.89
CA ARG A 542 -6.06 15.11 -39.90
C ARG A 542 -6.25 16.44 -40.64
N VAL A 543 -5.42 16.75 -41.64
CA VAL A 543 -5.54 18.07 -42.33
C VAL A 543 -6.94 18.11 -42.98
N LYS A 544 -7.38 17.00 -43.54
CA LYS A 544 -8.71 16.90 -44.21
C LYS A 544 -9.85 17.04 -43.20
N ALA A 545 -9.70 16.50 -41.99
CA ALA A 545 -10.73 16.52 -40.95
C ALA A 545 -10.76 17.87 -40.19
N GLU A 546 -9.61 18.50 -39.95
CA GLU A 546 -9.47 19.66 -39.02
C GLU A 546 -8.79 20.89 -39.62
N GLY A 547 -8.07 20.77 -40.74
CA GLY A 547 -7.27 21.89 -41.30
C GLY A 547 -6.13 22.27 -40.37
N ILE A 548 -5.63 21.32 -39.58
CA ILE A 548 -4.47 21.51 -38.67
C ILE A 548 -3.43 20.45 -39.03
N LEU A 549 -2.15 20.80 -38.94
CA LEU A 549 -1.10 19.80 -39.10
C LEU A 549 -0.02 20.02 -38.04
N ASP A 550 0.52 18.90 -37.58
CA ASP A 550 1.61 18.83 -36.61
C ASP A 550 2.54 17.73 -37.12
N VAL A 551 3.32 18.07 -38.14
CA VAL A 551 4.27 17.11 -38.74
C VAL A 551 5.27 16.70 -37.65
N PHE A 552 5.77 17.68 -36.89
CA PHE A 552 6.79 17.41 -35.84
C PHE A 552 6.30 16.35 -34.85
N GLN A 553 5.14 16.55 -34.22
CA GLN A 553 4.65 15.59 -33.19
C GLN A 553 4.20 14.28 -33.85
N THR A 554 3.69 14.29 -35.08
CA THR A 554 3.33 13.05 -35.80
C THR A 554 4.58 12.18 -35.91
N VAL A 555 5.67 12.74 -36.40
CA VAL A 555 6.92 11.97 -36.60
C VAL A 555 7.53 11.60 -35.25
N LYS A 556 7.54 12.52 -34.29
CA LYS A 556 8.08 12.23 -32.93
C LYS A 556 7.35 11.01 -32.34
N SER A 557 6.02 10.97 -32.41
CA SER A 557 5.24 9.82 -31.87
C SER A 557 5.62 8.53 -32.61
N LEU A 558 5.84 8.59 -33.91
CA LEU A 558 6.30 7.39 -34.67
C LEU A 558 7.65 6.94 -34.12
N ARG A 559 8.60 7.86 -33.87
CA ARG A 559 9.95 7.50 -33.35
C ARG A 559 9.79 6.81 -31.99
N LEU A 560 8.81 7.20 -31.18
CA LEU A 560 8.57 6.58 -29.86
C LEU A 560 7.85 5.23 -29.98
N GLN A 561 7.35 4.86 -31.16
CA GLN A 561 6.63 3.57 -31.36
C GLN A 561 7.52 2.54 -32.07
N ARG A 562 8.47 2.96 -32.89
CA ARG A 562 9.38 2.04 -33.60
C ARG A 562 10.66 2.79 -33.95
N PRO A 563 11.85 2.22 -33.67
CA PRO A 563 13.10 2.91 -33.98
C PRO A 563 13.20 3.41 -35.42
N HIS A 564 13.67 4.64 -35.58
CA HIS A 564 14.05 5.27 -36.87
C HIS A 564 12.87 5.51 -37.82
N MET A 565 11.62 5.46 -37.35
CA MET A 565 10.46 5.81 -38.21
C MET A 565 10.71 7.23 -38.74
N VAL A 566 10.79 7.38 -40.07
CA VAL A 566 11.26 8.61 -40.77
C VAL A 566 12.73 8.74 -40.36
N GLN A 567 13.58 8.03 -41.10
CA GLN A 567 14.96 7.72 -40.66
C GLN A 567 15.91 8.87 -40.97
N THR A 568 15.68 9.63 -42.05
CA THR A 568 16.65 10.62 -42.58
C THR A 568 16.04 12.01 -42.71
N LEU A 569 16.89 13.02 -42.71
CA LEU A 569 16.48 14.44 -42.92
C LEU A 569 15.66 14.57 -44.20
N GLU A 570 16.10 13.96 -45.30
CA GLU A 570 15.37 14.11 -46.59
C GLU A 570 13.97 13.47 -46.50
N GLN A 571 13.81 12.36 -45.77
CA GLN A 571 12.48 11.73 -45.56
C GLN A 571 11.58 12.68 -44.78
N TYR A 572 12.13 13.34 -43.78
CA TYR A 572 11.41 14.35 -42.96
C TYR A 572 11.02 15.51 -43.89
N GLU A 573 11.95 15.99 -44.71
CA GLU A 573 11.69 17.04 -45.73
C GLU A 573 10.51 16.59 -46.62
N PHE A 574 10.56 15.34 -47.08
CA PHE A 574 9.51 14.77 -47.96
C PHE A 574 8.14 14.86 -47.29
N CYS A 575 8.03 14.62 -45.98
CA CYS A 575 6.73 14.75 -45.27
C CYS A 575 6.17 16.16 -45.50
N TYR A 576 6.99 17.20 -45.30
CA TYR A 576 6.53 18.59 -45.48
C TYR A 576 6.20 18.87 -46.95
N LYS A 577 7.02 18.36 -47.87
CA LYS A 577 6.83 18.55 -49.33
C LYS A 577 5.46 17.99 -49.77
N VAL A 578 5.12 16.78 -49.33
CA VAL A 578 3.83 16.12 -49.70
C VAL A 578 2.65 16.91 -49.12
N VAL A 579 2.73 17.30 -47.85
CA VAL A 579 1.63 18.07 -47.19
C VAL A 579 1.39 19.37 -47.95
N GLN A 580 2.48 20.09 -48.29
CA GLN A 580 2.42 21.39 -49.02
C GLN A 580 1.74 21.16 -50.37
N GLU A 581 2.15 20.13 -51.09
CA GLU A 581 1.58 19.81 -52.43
C GLU A 581 0.11 19.45 -52.31
N TYR A 582 -0.26 18.67 -51.28
CA TYR A 582 -1.67 18.27 -51.05
C TYR A 582 -2.55 19.52 -50.85
N ILE A 583 -2.12 20.40 -49.95
CA ILE A 583 -2.84 21.68 -49.63
C ILE A 583 -2.94 22.52 -50.90
N ASP A 584 -1.82 22.73 -51.61
CA ASP A 584 -1.78 23.55 -52.85
C ASP A 584 -2.72 22.95 -53.91
N ALA A 585 -2.77 21.63 -54.03
CA ALA A 585 -3.58 20.91 -55.06
C ALA A 585 -5.07 21.11 -54.80
N PHE A 586 -5.49 21.08 -53.54
CA PHE A 586 -6.91 21.11 -53.10
C PHE A 586 -7.11 22.34 -52.19
N SER A 587 -6.64 23.51 -52.64
CA SER A 587 -6.55 24.76 -51.86
C SER A 587 -7.92 25.35 -51.52
N ASP A 588 -8.97 25.05 -52.29
CA ASP A 588 -10.35 25.56 -52.04
C ASP A 588 -11.10 24.66 -51.04
N TYR A 589 -10.49 23.56 -50.56
CA TYR A 589 -11.07 22.66 -49.54
C TYR A 589 -11.36 23.50 -48.28
N ALA A 590 -12.61 23.44 -47.78
CA ALA A 590 -13.18 24.37 -46.77
C ALA A 590 -12.34 24.43 -45.48
N ASN A 591 -11.98 23.29 -44.89
CA ASN A 591 -11.25 23.24 -43.59
C ASN A 591 -9.89 23.95 -43.64
N PHE A 592 -9.29 24.16 -44.83
CA PHE A 592 -7.97 24.84 -45.00
C PHE A 592 -8.11 26.35 -44.78
N ARG B 7 -24.35 14.22 27.91
CA ARG B 7 -24.14 15.69 28.20
C ARG B 7 -22.94 15.89 29.12
N LYS B 8 -22.84 15.10 30.19
CA LYS B 8 -21.73 15.13 31.17
C LYS B 8 -20.44 14.58 30.54
N TYR B 9 -20.53 13.62 29.60
CA TYR B 9 -19.35 12.94 29.01
C TYR B 9 -19.38 13.06 27.48
N PRO B 10 -19.19 14.28 26.93
CA PRO B 10 -19.24 14.48 25.49
C PRO B 10 -17.96 13.94 24.84
N PRO B 11 -17.93 13.75 23.51
CA PRO B 11 -16.72 13.25 22.84
C PRO B 11 -15.50 14.12 23.15
N LEU B 12 -14.32 13.50 23.19
CA LEU B 12 -13.03 14.13 23.55
CA LEU B 12 -13.04 14.14 23.55
C LEU B 12 -12.20 14.39 22.29
N PRO B 13 -11.98 15.65 21.87
CA PRO B 13 -11.10 15.92 20.73
C PRO B 13 -9.66 15.45 21.04
N VAL B 14 -8.92 14.94 20.05
CA VAL B 14 -7.61 14.30 20.32
C VAL B 14 -6.62 15.29 20.95
N ASP B 15 -6.66 16.57 20.59
CA ASP B 15 -5.74 17.61 21.13
C ASP B 15 -6.06 17.96 22.60
N LYS B 16 -7.13 17.43 23.19
CA LYS B 16 -7.45 17.56 24.64
C LYS B 16 -7.34 16.20 25.34
N LEU B 17 -6.95 15.13 24.63
CA LEU B 17 -6.98 13.76 25.16
C LEU B 17 -6.02 13.61 26.36
N GLU B 18 -4.77 14.02 26.19
CA GLU B 18 -3.72 13.90 27.24
C GLU B 18 -4.16 14.69 28.47
N GLU B 19 -4.47 15.98 28.26
CA GLU B 19 -4.95 16.90 29.32
C GLU B 19 -6.14 16.27 30.03
N GLU B 20 -7.13 15.77 29.27
CA GLU B 20 -8.37 15.16 29.85
C GLU B 20 -8.05 13.86 30.59
N ILE B 21 -7.16 12.99 30.12
N ILE B 21 -7.15 13.04 30.02
CA ILE B 21 -6.85 11.77 30.91
CA ILE B 21 -6.78 11.69 30.57
C ILE B 21 -6.24 12.16 32.28
C ILE B 21 -5.87 11.90 31.78
N ASN B 22 -5.55 13.30 32.38
N ASN B 22 -4.76 12.63 31.61
CA ASN B 22 -4.93 13.76 33.66
CA ASN B 22 -3.87 12.95 32.76
C ASN B 22 -6.03 14.26 34.62
C ASN B 22 -4.77 13.49 33.87
N ARG B 23 -6.95 15.06 34.12
N ARG B 23 -5.62 14.49 33.57
CA ARG B 23 -8.03 15.67 34.93
CA ARG B 23 -6.60 15.09 34.53
C ARG B 23 -9.00 14.58 35.45
C ARG B 23 -7.43 13.97 35.18
N ARG B 24 -9.08 13.45 34.76
N ARG B 24 -8.09 13.14 34.36
CA ARG B 24 -10.05 12.36 35.09
CA ARG B 24 -9.01 12.06 34.81
C ARG B 24 -9.45 11.46 36.17
C ARG B 24 -8.20 10.93 35.48
N MET B 25 -8.13 11.47 36.35
N MET B 25 -6.93 10.78 35.13
CA MET B 25 -7.42 10.67 37.37
CA MET B 25 -6.02 9.75 35.68
C MET B 25 -7.33 11.51 38.66
C MET B 25 -5.39 10.25 37.00
N ASP B 28 -5.87 9.03 41.86
CA ASP B 28 -5.73 7.58 41.57
C ASP B 28 -6.82 7.19 40.58
N ASN B 29 -9.05 9.07 40.79
N ASN B 29 -6.92 7.90 39.45
CA ASN B 29 -9.87 8.94 39.56
CA ASN B 29 -7.94 7.66 38.40
C ASN B 29 -11.32 9.33 39.86
C ASN B 29 -9.32 8.08 38.92
N LYS B 30 -11.52 10.36 40.69
N LYS B 30 -9.39 9.16 39.70
CA LYS B 30 -12.87 10.88 41.07
CA LYS B 30 -10.62 9.66 40.38
C LYS B 30 -13.79 10.88 39.84
C LYS B 30 -11.78 9.91 39.38
N LEU B 31 -13.42 11.61 38.79
N LEU B 31 -11.61 10.79 38.39
CA LEU B 31 -14.26 11.86 37.58
CA LEU B 31 -12.77 11.16 37.52
C LEU B 31 -14.36 10.61 36.69
C LEU B 31 -13.14 10.03 36.57
N PHE B 32 -13.30 9.81 36.60
N PHE B 32 -12.23 9.12 36.27
CA PHE B 32 -13.24 8.53 35.83
CA PHE B 32 -12.58 7.94 35.44
C PHE B 32 -14.16 7.50 36.46
C PHE B 32 -13.63 7.06 36.15
N ARG B 33 -13.95 7.24 37.75
N ARG B 33 -13.81 7.19 37.49
CA ARG B 33 -14.85 6.32 38.47
CA ARG B 33 -14.75 6.37 38.31
C ARG B 33 -16.26 6.87 38.30
C ARG B 33 -16.19 6.88 38.26
N GLU B 34 -16.40 8.20 38.34
CA GLU B 34 -17.72 8.86 38.22
C GLU B 34 -18.27 8.53 36.83
N GLU B 35 -17.40 8.58 35.82
CA GLU B 35 -17.73 8.34 34.40
C GLU B 35 -18.16 6.88 34.27
N PHE B 36 -17.33 5.95 34.75
CA PHE B 36 -17.65 4.51 34.69
C PHE B 36 -18.95 4.23 35.44
N ASN B 37 -19.12 4.77 36.66
CA ASN B 37 -20.34 4.58 37.47
C ASN B 37 -21.55 5.20 36.75
N ALA B 38 -21.36 6.23 35.92
CA ALA B 38 -22.44 6.93 35.21
C ALA B 38 -22.91 6.14 33.98
N LEU B 39 -22.20 5.08 33.56
CA LEU B 39 -22.63 4.28 32.38
C LEU B 39 -24.00 3.67 32.66
N PRO B 40 -24.89 3.57 31.64
CA PRO B 40 -26.17 2.90 31.83
C PRO B 40 -25.89 1.39 31.92
N ALA B 41 -26.70 0.68 32.70
CA ALA B 41 -26.69 -0.80 32.79
C ALA B 41 -27.06 -1.33 31.40
N CYS B 42 -28.12 -0.76 30.84
CA CYS B 42 -28.59 -1.08 29.46
C CYS B 42 -29.39 0.12 28.93
N PRO B 43 -29.02 0.70 27.76
CA PRO B 43 -29.76 1.84 27.22
C PRO B 43 -31.10 1.50 26.55
N ILE B 44 -31.47 0.21 26.44
CA ILE B 44 -32.76 -0.25 25.84
C ILE B 44 -33.43 -1.29 26.74
N GLN B 45 -34.67 -1.64 26.39
CA GLN B 45 -35.43 -2.76 27.00
C GLN B 45 -34.95 -4.03 26.31
N ALA B 46 -34.47 -5.01 27.07
CA ALA B 46 -33.93 -6.27 26.56
C ALA B 46 -34.41 -7.42 27.45
N THR B 47 -34.52 -8.62 26.87
CA THR B 47 -34.92 -9.87 27.57
C THR B 47 -33.78 -10.88 27.42
N CYS B 48 -33.76 -11.89 28.30
CA CYS B 48 -32.78 -13.00 28.38
C CYS B 48 -33.51 -14.33 28.47
N GLU B 49 -34.61 -14.50 27.72
CA GLU B 49 -35.48 -15.69 27.86
C GLU B 49 -34.74 -16.96 27.44
N ALA B 50 -34.06 -16.97 26.29
CA ALA B 50 -33.33 -18.17 25.81
C ALA B 50 -32.26 -18.57 26.84
N ALA B 51 -31.45 -17.59 27.27
CA ALA B 51 -30.33 -17.78 28.21
C ALA B 51 -30.84 -18.29 29.57
N SER B 52 -32.04 -17.86 29.98
CA SER B 52 -32.66 -18.16 31.31
C SER B 52 -33.39 -19.50 31.35
N LYS B 53 -33.48 -20.23 30.23
CA LYS B 53 -34.19 -21.54 30.18
C LYS B 53 -33.46 -22.54 31.08
N GLU B 54 -34.22 -23.31 31.87
CA GLU B 54 -33.70 -24.37 32.76
C GLU B 54 -32.74 -25.28 31.98
N GLU B 55 -33.09 -25.62 30.73
CA GLU B 55 -32.32 -26.56 29.85
C GLU B 55 -30.94 -25.98 29.50
N ASN B 56 -30.76 -24.66 29.55
CA ASN B 56 -29.48 -23.99 29.20
C ASN B 56 -28.67 -23.58 30.43
N LYS B 57 -29.08 -23.92 31.67
CA LYS B 57 -28.45 -23.33 32.89
C LYS B 57 -26.95 -23.66 32.98
N GLU B 58 -26.54 -24.89 32.64
CA GLU B 58 -25.12 -25.34 32.68
C GLU B 58 -24.26 -24.65 31.60
N LYS B 59 -24.85 -24.00 30.60
CA LYS B 59 -24.13 -23.42 29.44
C LYS B 59 -23.67 -21.98 29.73
N ASN B 60 -24.01 -21.44 30.90
CA ASN B 60 -23.65 -20.08 31.36
C ASN B 60 -22.75 -20.25 32.58
N ARG B 61 -21.64 -19.51 32.61
CA ARG B 61 -20.74 -19.46 33.80
C ARG B 61 -21.49 -18.84 34.97
N TYR B 62 -22.28 -17.80 34.71
CA TYR B 62 -22.92 -16.97 35.75
C TYR B 62 -24.36 -16.63 35.36
N VAL B 63 -25.26 -16.74 36.34
CA VAL B 63 -26.72 -16.59 36.11
C VAL B 63 -27.07 -15.14 35.80
N ASN B 64 -26.20 -14.18 36.15
CA ASN B 64 -26.42 -12.72 35.94
C ASN B 64 -25.69 -12.20 34.71
N ILE B 65 -24.95 -13.04 33.98
CA ILE B 65 -24.27 -12.62 32.71
C ILE B 65 -24.82 -13.47 31.57
N LEU B 66 -25.92 -12.99 30.99
CA LEU B 66 -26.71 -13.71 29.98
C LEU B 66 -26.84 -12.86 28.74
N PRO B 67 -26.76 -13.47 27.52
CA PRO B 67 -26.92 -12.72 26.29
C PRO B 67 -28.40 -12.35 26.13
N TYR B 68 -28.63 -11.16 25.59
CA TYR B 68 -29.99 -10.67 25.27
C TYR B 68 -30.55 -11.47 24.09
N ASP B 69 -31.87 -11.70 24.11
CA ASP B 69 -32.58 -12.45 23.03
C ASP B 69 -32.33 -11.77 21.68
N HIS B 70 -32.36 -10.45 21.61
CA HIS B 70 -32.33 -9.68 20.33
C HIS B 70 -30.95 -9.69 19.65
N SER B 71 -29.86 -9.92 20.39
CA SER B 71 -28.46 -9.83 19.86
C SER B 71 -27.68 -11.14 20.04
N ARG B 72 -28.29 -12.20 20.59
CA ARG B 72 -27.58 -13.48 20.87
C ARG B 72 -27.16 -14.14 19.56
N VAL B 73 -26.10 -14.94 19.62
CA VAL B 73 -25.65 -15.75 18.45
C VAL B 73 -26.46 -17.04 18.51
N HIS B 74 -27.28 -17.25 17.49
CA HIS B 74 -28.09 -18.47 17.31
C HIS B 74 -27.23 -19.53 16.64
N LEU B 75 -27.16 -20.72 17.25
CA LEU B 75 -26.60 -21.94 16.60
C LEU B 75 -27.73 -22.67 15.89
N THR B 76 -27.41 -23.44 14.84
CA THR B 76 -28.35 -24.39 14.18
C THR B 76 -28.60 -25.52 15.17
N PRO B 77 -29.86 -25.97 15.43
CA PRO B 77 -30.10 -27.11 16.33
C PRO B 77 -29.44 -28.43 15.89
N VAL B 78 -29.00 -29.24 16.87
CA VAL B 78 -28.42 -30.61 16.69
C VAL B 78 -29.54 -31.64 17.00
N GLU B 79 -29.92 -32.43 16.00
CA GLU B 79 -30.98 -33.47 16.05
C GLU B 79 -30.80 -34.32 17.33
N GLY B 80 -31.84 -34.45 18.15
CA GLY B 80 -31.86 -35.30 19.36
C GLY B 80 -31.39 -34.61 20.63
N VAL B 81 -30.84 -33.38 20.55
CA VAL B 81 -30.36 -32.59 21.73
C VAL B 81 -31.32 -31.41 21.88
N PRO B 82 -32.11 -31.31 22.99
CA PRO B 82 -32.98 -30.14 23.21
C PRO B 82 -32.18 -28.87 23.48
N ASP B 83 -32.58 -27.73 22.88
CA ASP B 83 -32.05 -26.36 23.12
C ASP B 83 -30.59 -26.26 22.66
N SER B 84 -30.22 -26.97 21.60
CA SER B 84 -28.87 -26.95 20.99
C SER B 84 -28.69 -25.71 20.09
N ASP B 85 -29.63 -24.76 20.10
CA ASP B 85 -29.53 -23.46 19.38
C ASP B 85 -28.79 -22.42 20.24
N TYR B 86 -28.52 -22.70 21.52
CA TYR B 86 -28.07 -21.70 22.51
C TYR B 86 -26.56 -21.72 22.78
N ILE B 87 -25.95 -20.53 22.71
CA ILE B 87 -24.58 -20.28 23.22
C ILE B 87 -24.56 -18.92 23.94
N ASN B 88 -23.77 -18.83 25.01
CA ASN B 88 -23.57 -17.55 25.73
C ASN B 88 -22.59 -16.73 24.88
N ALA B 89 -23.15 -15.97 23.94
CA ALA B 89 -22.40 -15.13 22.96
C ALA B 89 -23.37 -14.15 22.31
N SER B 90 -22.88 -12.95 22.03
CA SER B 90 -23.69 -11.81 21.52
C SER B 90 -22.93 -11.14 20.38
N PHE B 91 -23.64 -10.69 19.36
CA PHE B 91 -23.08 -9.82 18.31
C PHE B 91 -22.79 -8.44 18.94
N ILE B 92 -21.68 -7.82 18.57
CA ILE B 92 -21.29 -6.47 19.07
C ILE B 92 -20.85 -5.63 17.87
N ASN B 93 -21.38 -4.42 17.76
CA ASN B 93 -21.01 -3.50 16.65
C ASN B 93 -19.60 -2.98 16.91
N GLY B 94 -18.84 -2.80 15.83
CA GLY B 94 -17.59 -2.04 15.81
C GLY B 94 -17.91 -0.62 15.41
N TYR B 95 -16.88 0.21 15.24
CA TYR B 95 -17.04 1.60 14.74
C TYR B 95 -17.65 1.52 13.34
N GLN B 96 -18.86 2.03 13.17
CA GLN B 96 -19.59 2.05 11.88
C GLN B 96 -19.65 0.67 11.23
N GLU B 97 -19.71 -0.42 12.00
CA GLU B 97 -19.72 -1.79 11.42
C GLU B 97 -20.61 -2.70 12.26
N LYS B 98 -21.83 -2.93 11.78
CA LYS B 98 -22.81 -3.80 12.47
C LYS B 98 -22.17 -5.18 12.61
N ASN B 99 -22.27 -5.78 13.79
CA ASN B 99 -21.92 -7.20 14.08
C ASN B 99 -20.47 -7.50 13.67
N LYS B 100 -19.55 -6.54 13.84
CA LYS B 100 -18.11 -6.73 13.53
C LYS B 100 -17.57 -7.87 14.42
N PHE B 101 -18.04 -7.91 15.65
CA PHE B 101 -17.57 -8.85 16.68
C PHE B 101 -18.70 -9.73 17.22
N ILE B 102 -18.27 -10.86 17.77
CA ILE B 102 -19.06 -11.68 18.71
C ILE B 102 -18.31 -11.55 20.02
N ALA B 103 -19.02 -11.14 21.08
CA ALA B 103 -18.52 -11.16 22.46
C ALA B 103 -19.02 -12.48 23.03
N ALA B 104 -18.10 -13.42 23.24
CA ALA B 104 -18.44 -14.79 23.68
C ALA B 104 -17.91 -15.05 25.08
N GLN B 105 -18.70 -15.79 25.84
CA GLN B 105 -18.23 -16.49 27.06
C GLN B 105 -17.06 -17.41 26.64
N GLY B 106 -16.00 -17.45 27.43
CA GLY B 106 -14.94 -18.48 27.27
C GLY B 106 -15.62 -19.81 27.51
N PRO B 107 -15.52 -20.81 26.60
CA PRO B 107 -16.31 -22.03 26.77
C PRO B 107 -16.00 -22.76 28.08
N LYS B 108 -17.05 -23.34 28.67
CA LYS B 108 -16.92 -24.37 29.72
C LYS B 108 -16.57 -25.68 28.99
N GLU B 109 -16.10 -26.70 29.69
CA GLU B 109 -15.81 -28.02 29.06
C GLU B 109 -17.05 -28.48 28.26
N GLU B 110 -18.25 -28.29 28.81
CA GLU B 110 -19.53 -28.78 28.20
C GLU B 110 -20.05 -27.84 27.10
N THR B 111 -19.41 -26.70 26.81
CA THR B 111 -19.79 -25.78 25.70
C THR B 111 -18.67 -25.65 24.65
N VAL B 112 -17.55 -26.37 24.77
CA VAL B 112 -16.44 -26.28 23.77
C VAL B 112 -16.98 -26.63 22.37
N ASN B 113 -17.75 -27.71 22.24
CA ASN B 113 -18.24 -28.15 20.90
C ASN B 113 -19.15 -27.06 20.33
N ASP B 114 -20.05 -26.52 21.16
CA ASP B 114 -20.98 -25.42 20.80
C ASP B 114 -20.15 -24.24 20.26
N PHE B 115 -19.06 -23.93 20.96
CA PHE B 115 -18.14 -22.81 20.63
C PHE B 115 -17.58 -23.00 19.21
N TRP B 116 -17.07 -24.18 18.89
CA TRP B 116 -16.51 -24.47 17.54
C TRP B 116 -17.61 -24.45 16.48
N ARG B 117 -18.81 -24.93 16.81
CA ARG B 117 -19.98 -24.91 15.90
C ARG B 117 -20.26 -23.46 15.54
N MET B 118 -20.21 -22.56 16.53
CA MET B 118 -20.45 -21.11 16.31
C MET B 118 -19.40 -20.58 15.33
N ILE B 119 -18.11 -20.86 15.60
CA ILE B 119 -16.98 -20.39 14.74
C ILE B 119 -17.20 -20.91 13.31
N TRP B 120 -17.53 -22.19 13.16
CA TRP B 120 -17.79 -22.79 11.83
C TRP B 120 -18.98 -22.10 11.16
N GLU B 121 -20.12 -22.01 11.85
CA GLU B 121 -21.38 -21.49 11.26
C GLU B 121 -21.26 -20.01 10.93
N GLN B 122 -20.50 -19.23 11.70
CA GLN B 122 -20.35 -17.76 11.47
C GLN B 122 -19.30 -17.47 10.41
N ASN B 123 -18.56 -18.46 9.92
CA ASN B 123 -17.43 -18.29 8.97
C ASN B 123 -16.39 -17.39 9.63
N THR B 124 -16.20 -17.53 10.94
CA THR B 124 -15.19 -16.77 11.70
C THR B 124 -13.82 -17.25 11.20
N ALA B 125 -12.90 -16.31 10.98
CA ALA B 125 -11.49 -16.53 10.60
C ALA B 125 -10.56 -16.21 11.78
N THR B 126 -11.01 -15.42 12.75
CA THR B 126 -10.16 -14.84 13.81
C THR B 126 -10.83 -14.99 15.17
N ILE B 127 -10.11 -15.57 16.13
CA ILE B 127 -10.54 -15.69 17.55
C ILE B 127 -9.59 -14.84 18.39
N VAL B 128 -10.12 -14.02 19.28
CA VAL B 128 -9.34 -13.15 20.19
C VAL B 128 -9.66 -13.61 21.61
N MET B 129 -8.65 -14.13 22.29
CA MET B 129 -8.77 -14.66 23.67
C MET B 129 -8.03 -13.70 24.59
N VAL B 130 -8.74 -13.11 25.57
CA VAL B 130 -8.15 -12.07 26.47
C VAL B 130 -8.24 -12.58 27.91
N THR B 131 -7.83 -13.83 28.10
CA THR B 131 -7.77 -14.49 29.42
C THR B 131 -6.70 -15.58 29.35
N ASN B 132 -6.13 -15.90 30.50
CA ASN B 132 -5.39 -17.17 30.66
C ASN B 132 -6.43 -18.22 31.06
N LEU B 133 -6.07 -19.49 30.91
CA LEU B 133 -6.97 -20.62 31.23
C LEU B 133 -7.25 -20.62 32.73
N LYS B 134 -6.25 -20.27 33.53
CA LYS B 134 -6.32 -20.20 35.01
C LYS B 134 -5.78 -18.84 35.46
N GLU B 135 -6.51 -18.20 36.38
CA GLU B 135 -6.15 -16.88 36.96
C GLU B 135 -6.65 -16.90 38.40
N ARG B 136 -5.80 -16.45 39.33
CA ARG B 136 -6.10 -16.46 40.79
C ARG B 136 -6.58 -17.85 41.21
N LYS B 137 -5.94 -18.90 40.68
CA LYS B 137 -6.20 -20.34 41.00
C LYS B 137 -7.61 -20.78 40.62
N GLU B 138 -8.27 -20.07 39.71
CA GLU B 138 -9.64 -20.41 39.25
C GLU B 138 -9.58 -20.71 37.75
N CYS B 139 -10.31 -21.72 37.30
N CYS B 139 -10.31 -21.72 37.30
CA CYS B 139 -10.44 -22.07 35.86
CA CYS B 139 -10.45 -22.08 35.86
C CYS B 139 -11.31 -20.98 35.21
C CYS B 139 -11.32 -20.98 35.21
N LYS B 140 -10.76 -20.25 34.25
CA LYS B 140 -11.44 -19.12 33.56
C LYS B 140 -12.02 -19.54 32.22
N CYS B 141 -11.41 -20.53 31.58
CA CYS B 141 -11.76 -20.96 30.22
C CYS B 141 -11.29 -22.40 30.02
N ALA B 142 -12.09 -23.22 29.36
CA ALA B 142 -11.63 -24.58 28.96
C ALA B 142 -10.64 -24.41 27.82
N GLN B 143 -9.63 -25.27 27.73
CA GLN B 143 -8.72 -25.26 26.57
C GLN B 143 -9.47 -25.92 25.41
N TYR B 144 -9.81 -25.14 24.39
CA TYR B 144 -10.63 -25.58 23.23
C TYR B 144 -9.73 -25.82 22.01
N TRP B 145 -8.42 -25.89 22.16
CA TRP B 145 -7.49 -26.12 21.03
C TRP B 145 -6.44 -27.14 21.43
N PRO B 146 -5.90 -27.92 20.47
CA PRO B 146 -4.70 -28.74 20.67
C PRO B 146 -3.46 -27.86 20.48
N ASP B 147 -2.40 -28.12 21.25
CA ASP B 147 -1.11 -27.38 21.16
C ASP B 147 -0.24 -27.98 20.06
N GLN B 148 -0.56 -29.19 19.63
CA GLN B 148 0.13 -29.91 18.54
C GLN B 148 -0.83 -30.92 17.92
N GLY B 149 -0.57 -31.28 16.67
CA GLY B 149 -1.38 -32.28 15.92
C GLY B 149 -2.82 -31.80 15.79
N CYS B 150 -3.78 -32.70 16.01
CA CYS B 150 -5.21 -32.38 15.78
C CYS B 150 -6.10 -33.01 16.83
N TRP B 151 -7.30 -32.45 16.97
CA TRP B 151 -8.40 -32.97 17.84
C TRP B 151 -9.75 -32.61 17.21
N THR B 152 -10.73 -33.47 17.39
CA THR B 152 -12.10 -33.25 16.85
C THR B 152 -13.03 -32.89 18.01
N TYR B 153 -13.64 -31.71 17.93
CA TYR B 153 -14.63 -31.19 18.91
C TYR B 153 -16.01 -31.33 18.26
N GLY B 154 -16.78 -32.33 18.67
CA GLY B 154 -18.06 -32.67 18.01
C GLY B 154 -17.78 -33.14 16.59
N ASN B 155 -18.13 -32.32 15.59
CA ASN B 155 -17.87 -32.61 14.15
C ASN B 155 -16.83 -31.65 13.56
N ILE B 156 -16.17 -30.81 14.37
CA ILE B 156 -15.13 -29.87 13.86
C ILE B 156 -13.73 -30.42 14.20
N ARG B 157 -12.98 -30.82 13.17
CA ARG B 157 -11.57 -31.26 13.28
C ARG B 157 -10.69 -30.02 13.29
N VAL B 158 -9.88 -29.84 14.33
CA VAL B 158 -8.97 -28.68 14.51
C VAL B 158 -7.54 -29.21 14.49
N SER B 159 -6.73 -28.78 13.52
CA SER B 159 -5.30 -29.17 13.40
C SER B 159 -4.43 -27.91 13.54
N VAL B 160 -3.32 -28.02 14.27
CA VAL B 160 -2.35 -26.91 14.49
C VAL B 160 -1.48 -26.76 13.24
N GLU B 161 -1.40 -25.56 12.68
CA GLU B 161 -0.48 -25.26 11.56
C GLU B 161 0.78 -24.60 12.15
N ASP B 162 0.62 -23.66 13.08
CA ASP B 162 1.77 -22.89 13.64
C ASP B 162 1.42 -22.30 15.01
N VAL B 163 2.43 -22.16 15.86
CA VAL B 163 2.32 -21.46 17.17
C VAL B 163 3.52 -20.50 17.27
N THR B 164 3.26 -19.22 17.52
CA THR B 164 4.31 -18.18 17.71
C THR B 164 4.08 -17.55 19.08
N VAL B 165 5.03 -17.70 20.00
CA VAL B 165 4.91 -17.18 21.39
C VAL B 165 5.72 -15.89 21.51
N LEU B 166 5.06 -14.81 21.94
CA LEU B 166 5.71 -13.54 22.32
C LEU B 166 5.31 -13.23 23.76
N VAL B 167 6.02 -12.31 24.41
CA VAL B 167 5.74 -12.06 25.86
C VAL B 167 4.29 -11.58 26.06
N ASP B 168 3.74 -10.74 25.18
CA ASP B 168 2.41 -10.10 25.34
C ASP B 168 1.27 -11.02 24.86
N TYR B 169 1.53 -11.89 23.88
CA TYR B 169 0.47 -12.74 23.29
C TYR B 169 1.08 -13.88 22.49
N THR B 170 0.28 -14.93 22.31
CA THR B 170 0.59 -16.10 21.47
C THR B 170 -0.35 -16.08 20.26
N VAL B 171 0.18 -16.42 19.09
CA VAL B 171 -0.61 -16.53 17.84
C VAL B 171 -0.62 -18.01 17.45
N ARG B 172 -1.81 -18.60 17.36
CA ARG B 172 -1.97 -20.03 16.98
C ARG B 172 -2.75 -20.05 15.67
N LYS B 173 -2.17 -20.68 14.64
CA LYS B 173 -2.83 -20.84 13.33
C LYS B 173 -3.36 -22.28 13.30
N PHE B 174 -4.64 -22.43 12.98
CA PHE B 174 -5.33 -23.74 12.88
C PHE B 174 -5.95 -23.90 11.51
N CYS B 175 -5.91 -25.13 11.03
CA CYS B 175 -6.73 -25.58 9.88
C CYS B 175 -7.94 -26.28 10.52
N ILE B 176 -9.17 -25.84 10.20
CA ILE B 176 -10.40 -26.51 10.70
C ILE B 176 -11.20 -27.05 9.51
N GLN B 177 -11.95 -28.12 9.76
CA GLN B 177 -12.84 -28.73 8.74
C GLN B 177 -13.96 -29.50 9.44
N GLN B 178 -15.15 -29.48 8.85
CA GLN B 178 -16.31 -30.24 9.35
C GLN B 178 -16.15 -31.67 8.83
N VAL B 179 -16.30 -32.66 9.72
CA VAL B 179 -16.13 -34.11 9.39
C VAL B 179 -17.42 -34.88 9.74
N GLY B 180 -17.47 -36.16 9.39
CA GLY B 180 -18.61 -37.07 9.66
C GLY B 180 -19.48 -37.30 8.44
N ASP B 181 -19.57 -36.32 7.52
CA ASP B 181 -20.35 -36.41 6.26
C ASP B 181 -19.38 -36.17 5.09
N MET B 182 -19.00 -37.24 4.38
CA MET B 182 -18.06 -37.20 3.22
C MET B 182 -18.81 -36.85 1.92
N THR B 183 -20.12 -37.07 1.85
CA THR B 183 -20.98 -36.73 0.68
C THR B 183 -21.21 -35.20 0.61
N ASN B 184 -21.09 -34.47 1.73
CA ASN B 184 -21.25 -32.98 1.81
C ASN B 184 -20.06 -32.39 2.57
N ARG B 185 -18.84 -32.71 2.14
CA ARG B 185 -17.58 -32.17 2.76
C ARG B 185 -17.28 -30.79 2.17
N LYS B 186 -17.10 -29.80 3.04
CA LYS B 186 -16.73 -28.40 2.68
C LYS B 186 -15.21 -28.26 2.71
N PRO B 187 -14.61 -27.25 2.05
CA PRO B 187 -13.17 -27.02 2.13
C PRO B 187 -12.71 -26.69 3.56
N GLN B 188 -11.45 -27.01 3.87
CA GLN B 188 -10.81 -26.70 5.17
C GLN B 188 -10.64 -25.16 5.26
N ARG B 189 -10.63 -24.61 6.46
CA ARG B 189 -10.50 -23.14 6.68
C ARG B 189 -9.33 -22.85 7.60
N LEU B 190 -8.66 -21.72 7.34
CA LEU B 190 -7.54 -21.21 8.17
C LEU B 190 -8.16 -20.32 9.26
N ILE B 191 -7.96 -20.66 10.52
CA ILE B 191 -8.40 -19.88 11.71
C ILE B 191 -7.14 -19.38 12.40
N THR B 192 -7.11 -18.10 12.79
CA THR B 192 -5.99 -17.57 13.60
C THR B 192 -6.54 -17.20 14.97
N GLN B 193 -5.94 -17.77 16.01
CA GLN B 193 -6.27 -17.42 17.42
C GLN B 193 -5.19 -16.46 17.94
N PHE B 194 -5.62 -15.30 18.38
CA PHE B 194 -4.79 -14.24 19.02
C PHE B 194 -5.08 -14.37 20.52
N HIS B 195 -4.10 -14.88 21.28
CA HIS B 195 -4.23 -15.18 22.72
C HIS B 195 -3.43 -14.17 23.54
N PHE B 196 -4.13 -13.18 24.14
CA PHE B 196 -3.49 -12.20 25.04
C PHE B 196 -3.21 -12.93 26.35
N THR B 197 -1.95 -13.14 26.70
CA THR B 197 -1.51 -13.93 27.88
C THR B 197 -0.95 -13.02 29.00
N SER B 198 -0.84 -11.72 28.74
CA SER B 198 -0.07 -10.75 29.57
C SER B 198 -0.98 -9.87 30.44
N TRP B 199 -2.28 -10.16 30.50
CA TRP B 199 -3.15 -9.38 31.42
C TRP B 199 -2.94 -9.96 32.81
N PRO B 200 -2.40 -9.18 33.78
CA PRO B 200 -2.07 -9.73 35.08
C PRO B 200 -3.31 -10.14 35.88
N ASP B 201 -3.17 -11.10 36.78
CA ASP B 201 -4.29 -11.57 37.64
C ASP B 201 -4.88 -10.42 38.47
N PHE B 202 -4.06 -9.45 38.87
CA PHE B 202 -4.48 -8.21 39.59
C PHE B 202 -4.11 -6.99 38.76
N GLY B 203 -5.05 -6.06 38.61
CA GLY B 203 -4.82 -4.80 37.90
C GLY B 203 -4.85 -4.97 36.38
N VAL B 204 -4.05 -4.16 35.70
CA VAL B 204 -4.01 -4.10 34.22
C VAL B 204 -2.56 -4.19 33.77
N PRO B 205 -2.30 -4.47 32.48
CA PRO B 205 -0.92 -4.49 31.99
C PRO B 205 -0.15 -3.22 32.39
N PHE B 206 1.13 -3.36 32.72
CA PHE B 206 1.95 -2.23 33.22
C PHE B 206 2.20 -1.22 32.08
N THR B 207 2.00 -1.63 30.83
CA THR B 207 2.03 -0.73 29.65
C THR B 207 0.91 -1.15 28.72
N PRO B 208 0.26 -0.21 28.02
CA PRO B 208 -0.73 -0.60 27.01
C PRO B 208 -0.13 -1.01 25.65
N ILE B 209 1.19 -0.94 25.45
CA ILE B 209 1.77 -1.14 24.09
C ILE B 209 1.49 -2.58 23.64
N GLY B 210 1.55 -3.58 24.54
CA GLY B 210 1.24 -4.98 24.23
C GLY B 210 -0.14 -5.11 23.60
N MET B 211 -1.15 -4.53 24.27
CA MET B 211 -2.56 -4.57 23.80
C MET B 211 -2.64 -3.89 22.42
N LEU B 212 -1.97 -2.75 22.24
CA LEU B 212 -2.00 -2.04 20.93
C LEU B 212 -1.36 -2.88 19.82
N LYS B 213 -0.24 -3.55 20.07
CA LYS B 213 0.42 -4.42 19.05
CA LYS B 213 0.42 -4.42 19.05
C LYS B 213 -0.49 -5.62 18.74
N PHE B 214 -1.15 -6.14 19.75
CA PHE B 214 -2.11 -7.27 19.66
C PHE B 214 -3.25 -6.86 18.72
N LEU B 215 -3.88 -5.73 19.02
CA LEU B 215 -4.98 -5.15 18.19
C LEU B 215 -4.53 -4.99 16.74
N LYS B 216 -3.33 -4.45 16.54
CA LYS B 216 -2.77 -4.18 15.19
C LYS B 216 -2.61 -5.49 14.42
N LYS B 217 -2.13 -6.55 15.07
CA LYS B 217 -1.95 -7.87 14.44
C LYS B 217 -3.30 -8.48 14.07
N VAL B 218 -4.28 -8.37 14.96
CA VAL B 218 -5.66 -8.89 14.72
C VAL B 218 -6.21 -8.22 13.45
N LYS B 219 -6.13 -6.89 13.39
CA LYS B 219 -6.69 -6.09 12.27
C LYS B 219 -5.99 -6.51 10.96
N ALA B 220 -4.67 -6.60 10.98
CA ALA B 220 -3.84 -6.95 9.80
C ALA B 220 -4.12 -8.37 9.30
N CYS B 221 -4.43 -9.32 10.19
N CYS B 221 -4.42 -9.31 10.21
CA CYS B 221 -4.54 -10.76 9.85
CA CYS B 221 -4.55 -10.77 9.90
C CYS B 221 -5.99 -11.17 9.52
C CYS B 221 -5.98 -11.16 9.52
N ASN B 222 -7.00 -10.50 10.07
CA ASN B 222 -8.43 -10.87 9.81
C ASN B 222 -8.73 -10.62 8.33
N PRO B 223 -9.09 -11.66 7.54
CA PRO B 223 -9.36 -11.47 6.11
C PRO B 223 -10.67 -10.73 5.82
N GLN B 224 -10.75 -10.10 4.64
CA GLN B 224 -12.00 -9.52 4.12
C GLN B 224 -13.00 -10.68 3.87
N TYR B 225 -14.29 -10.39 3.97
CA TYR B 225 -15.42 -11.31 3.66
C TYR B 225 -15.43 -12.50 4.63
N ALA B 226 -14.85 -12.36 5.82
CA ALA B 226 -14.93 -13.38 6.88
C ALA B 226 -16.11 -13.02 7.78
N GLY B 227 -16.62 -13.99 8.53
CA GLY B 227 -17.63 -13.73 9.56
C GLY B 227 -17.05 -12.95 10.73
N ALA B 228 -17.88 -12.73 11.74
CA ALA B 228 -17.57 -11.90 12.93
C ALA B 228 -16.31 -12.42 13.61
N ILE B 229 -15.45 -11.51 14.07
CA ILE B 229 -14.28 -11.82 14.93
C ILE B 229 -14.84 -12.24 16.29
N VAL B 230 -14.51 -13.43 16.77
CA VAL B 230 -14.97 -13.94 18.09
C VAL B 230 -13.97 -13.44 19.12
N VAL B 231 -14.46 -12.67 20.09
CA VAL B 231 -13.66 -12.11 21.20
C VAL B 231 -14.19 -12.73 22.48
N HIS B 232 -13.34 -13.30 23.30
CA HIS B 232 -13.78 -13.90 24.57
C HIS B 232 -12.73 -13.73 25.65
N CYS B 233 -13.20 -13.73 26.89
CA CYS B 233 -12.35 -13.84 28.09
C CYS B 233 -12.96 -15.03 28.87
N SER B 234 -13.42 -14.85 30.09
CA SER B 234 -14.11 -15.89 30.87
C SER B 234 -15.62 -15.64 30.70
N ALA B 235 -16.18 -14.61 31.35
CA ALA B 235 -17.63 -14.29 31.25
C ALA B 235 -17.94 -13.67 29.87
N GLY B 236 -16.96 -13.06 29.19
CA GLY B 236 -17.14 -12.50 27.85
C GLY B 236 -17.72 -11.09 27.85
N VAL B 237 -17.50 -10.31 28.91
CA VAL B 237 -17.95 -8.89 28.95
C VAL B 237 -16.86 -7.88 29.32
N GLY B 238 -15.85 -8.26 30.14
CA GLY B 238 -14.93 -7.28 30.75
C GLY B 238 -13.76 -6.93 29.84
N ARG B 239 -12.74 -7.76 29.86
CA ARG B 239 -11.58 -7.60 28.95
C ARG B 239 -12.05 -7.73 27.50
N THR B 240 -13.09 -8.54 27.25
CA THR B 240 -13.72 -8.63 25.91
C THR B 240 -14.18 -7.22 25.50
N GLY B 241 -14.88 -6.52 26.37
CA GLY B 241 -15.34 -5.13 26.15
C GLY B 241 -14.16 -4.21 25.94
N THR B 242 -13.10 -4.31 26.75
CA THR B 242 -11.90 -3.44 26.63
C THR B 242 -11.35 -3.55 25.20
N PHE B 243 -11.17 -4.77 24.72
CA PHE B 243 -10.60 -5.03 23.39
C PHE B 243 -11.45 -4.39 22.29
N VAL B 244 -12.75 -4.68 22.30
CA VAL B 244 -13.69 -4.16 21.26
C VAL B 244 -13.71 -2.63 21.29
N VAL B 245 -13.76 -2.04 22.48
CA VAL B 245 -13.87 -0.57 22.63
C VAL B 245 -12.57 0.08 22.15
N ILE B 246 -11.40 -0.49 22.44
CA ILE B 246 -10.13 0.13 21.98
C ILE B 246 -10.14 0.06 20.45
N ASP B 247 -10.55 -1.06 19.87
CA ASP B 247 -10.60 -1.20 18.40
C ASP B 247 -11.46 -0.07 17.83
N ALA B 248 -12.68 0.08 18.35
CA ALA B 248 -13.68 1.07 17.87
C ALA B 248 -13.12 2.50 18.05
N MET B 249 -12.51 2.80 19.18
CA MET B 249 -12.05 4.17 19.51
C MET B 249 -10.78 4.52 18.74
N LEU B 250 -9.91 3.55 18.42
CA LEU B 250 -8.77 3.82 17.49
C LEU B 250 -9.33 4.20 16.11
N ASP B 251 -10.36 3.50 15.64
CA ASP B 251 -11.00 3.82 14.33
C ASP B 251 -11.58 5.25 14.43
N MET B 252 -12.32 5.53 15.52
CA MET B 252 -12.94 6.86 15.68
C MET B 252 -11.85 7.93 15.78
N MET B 253 -10.75 7.66 16.50
CA MET B 253 -9.63 8.64 16.60
C MET B 253 -9.07 8.99 15.21
N HIS B 254 -8.83 7.98 14.38
CA HIS B 254 -8.30 8.17 13.00
C HIS B 254 -9.29 8.94 12.12
N THR B 255 -10.58 8.57 12.20
CA THR B 255 -11.64 9.05 11.28
C THR B 255 -12.12 10.44 11.70
N GLU B 256 -12.34 10.65 12.99
CA GLU B 256 -13.00 11.87 13.54
C GLU B 256 -12.06 12.75 14.40
N ARG B 257 -10.84 12.31 14.71
CA ARG B 257 -9.90 13.07 15.59
C ARG B 257 -10.60 13.36 16.94
N LYS B 258 -11.37 12.38 17.39
CA LYS B 258 -12.13 12.43 18.66
C LYS B 258 -12.30 11.01 19.16
N VAL B 259 -12.53 10.86 20.46
CA VAL B 259 -12.94 9.56 21.03
C VAL B 259 -14.21 9.81 21.82
N ASP B 260 -15.03 8.77 21.94
CA ASP B 260 -16.27 8.82 22.73
C ASP B 260 -16.41 7.48 23.43
N VAL B 261 -15.53 7.23 24.39
CA VAL B 261 -15.51 5.96 25.16
C VAL B 261 -16.85 5.79 25.89
N TYR B 262 -17.32 6.84 26.57
CA TYR B 262 -18.59 6.79 27.35
C TYR B 262 -19.75 6.44 26.41
N GLY B 263 -19.86 7.16 25.30
CA GLY B 263 -20.92 6.97 24.30
C GLY B 263 -20.86 5.57 23.70
N PHE B 264 -19.67 5.09 23.35
CA PHE B 264 -19.51 3.78 22.66
C PHE B 264 -19.78 2.62 23.62
N VAL B 265 -19.27 2.68 24.84
CA VAL B 265 -19.56 1.63 25.86
C VAL B 265 -21.08 1.62 26.11
N SER B 266 -21.69 2.79 26.26
CA SER B 266 -23.16 2.91 26.41
C SER B 266 -23.87 2.14 25.29
N ARG B 267 -23.46 2.38 24.04
CA ARG B 267 -24.08 1.78 22.83
C ARG B 267 -23.91 0.26 22.81
N ILE B 268 -22.73 -0.31 23.07
CA ILE B 268 -22.54 -1.78 22.94
C ILE B 268 -23.26 -2.49 24.10
N ARG B 269 -23.55 -1.79 25.20
CA ARG B 269 -24.34 -2.36 26.32
C ARG B 269 -25.79 -2.62 25.88
N ALA B 270 -26.23 -2.03 24.77
CA ALA B 270 -27.51 -2.37 24.11
C ALA B 270 -27.45 -3.82 23.58
N GLN B 271 -26.26 -4.30 23.21
CA GLN B 271 -26.05 -5.65 22.61
C GLN B 271 -25.65 -6.69 23.65
N ARG B 272 -24.93 -6.32 24.71
CA ARG B 272 -24.52 -7.31 25.74
C ARG B 272 -24.36 -6.60 27.07
N CYS B 273 -24.84 -7.24 28.14
CA CYS B 273 -24.74 -6.71 29.51
C CYS B 273 -23.27 -6.51 29.92
N GLN B 274 -23.02 -5.47 30.72
CA GLN B 274 -21.79 -5.29 31.52
C GLN B 274 -20.53 -5.15 30.65
N MET B 275 -20.66 -4.75 29.39
CA MET B 275 -19.49 -4.60 28.53
C MET B 275 -18.56 -3.58 29.18
N VAL B 276 -17.32 -3.99 29.42
CA VAL B 276 -16.32 -3.27 30.24
C VAL B 276 -16.87 -3.35 31.68
N GLN B 277 -16.38 -4.31 32.42
CA GLN B 277 -17.01 -4.80 33.67
C GLN B 277 -16.48 -4.03 34.89
N THR B 278 -15.28 -3.46 34.82
CA THR B 278 -14.66 -2.79 35.99
C THR B 278 -14.07 -1.43 35.62
N ASP B 279 -13.90 -0.60 36.65
N ASP B 279 -13.91 -0.58 36.65
CA ASP B 279 -13.24 0.73 36.62
CA ASP B 279 -13.30 0.77 36.56
C ASP B 279 -11.89 0.65 35.88
C ASP B 279 -11.90 0.65 35.93
N MET B 280 -11.03 -0.30 36.25
N MET B 280 -11.15 -0.39 36.33
CA MET B 280 -9.67 -0.35 35.66
CA MET B 280 -9.76 -0.64 35.84
C MET B 280 -9.71 -0.91 34.23
C MET B 280 -9.77 -0.89 34.33
N GLN B 281 -10.68 -1.74 33.84
CA GLN B 281 -10.83 -2.08 32.40
C GLN B 281 -11.18 -0.80 31.61
N TYR B 282 -12.01 0.06 32.18
CA TYR B 282 -12.46 1.31 31.55
C TYR B 282 -11.27 2.26 31.41
N VAL B 283 -10.50 2.43 32.48
CA VAL B 283 -9.32 3.32 32.50
C VAL B 283 -8.28 2.79 31.50
N PHE B 284 -8.09 1.48 31.42
CA PHE B 284 -7.09 0.92 30.48
C PHE B 284 -7.42 1.26 29.03
N ILE B 285 -8.71 1.34 28.67
CA ILE B 285 -9.12 1.78 27.31
C ILE B 285 -8.48 3.16 27.04
N TYR B 286 -8.68 4.09 27.95
CA TYR B 286 -8.14 5.47 27.82
C TYR B 286 -6.62 5.45 27.79
N GLN B 287 -5.96 4.66 28.64
CA GLN B 287 -4.47 4.53 28.64
C GLN B 287 -4.00 4.04 27.27
N ALA B 288 -4.69 3.07 26.69
CA ALA B 288 -4.33 2.52 25.36
C ALA B 288 -4.47 3.62 24.30
N LEU B 289 -5.56 4.38 24.33
CA LEU B 289 -5.79 5.45 23.35
C LEU B 289 -4.70 6.51 23.50
N LEU B 290 -4.34 6.88 24.72
CA LEU B 290 -3.28 7.89 24.96
C LEU B 290 -1.93 7.37 24.46
N GLU B 291 -1.59 6.12 24.77
CA GLU B 291 -0.32 5.48 24.32
C GLU B 291 -0.23 5.61 22.79
N HIS B 292 -1.31 5.27 22.08
CA HIS B 292 -1.37 5.36 20.60
C HIS B 292 -1.15 6.81 20.15
N TYR B 293 -1.87 7.73 20.79
CA TYR B 293 -1.82 9.16 20.43
C TYR B 293 -0.41 9.74 20.67
N LEU B 294 0.17 9.48 21.84
CA LEU B 294 1.48 10.07 22.23
C LEU B 294 2.65 9.50 21.43
N TYR B 295 2.70 8.19 21.16
CA TYR B 295 3.93 7.53 20.63
C TYR B 295 3.75 6.97 19.23
N GLY B 296 2.52 6.70 18.78
CA GLY B 296 2.24 6.02 17.51
C GLY B 296 3.10 4.77 17.36
N ASP B 297 3.52 4.48 16.13
CA ASP B 297 4.29 3.25 15.79
C ASP B 297 5.78 3.63 15.75
N THR B 298 6.60 3.06 16.64
CA THR B 298 8.07 3.30 16.70
C THR B 298 8.84 2.06 16.21
N GLU B 299 8.14 1.08 15.67
CA GLU B 299 8.78 -0.11 15.06
C GLU B 299 9.50 0.32 13.78
N LEU B 300 10.69 -0.24 13.58
CA LEU B 300 11.53 -0.01 12.38
C LEU B 300 11.93 -1.35 11.79
N GLU B 301 11.83 -1.47 10.47
N GLU B 301 11.83 -1.48 10.47
CA GLU B 301 12.43 -2.60 9.71
CA GLU B 301 12.42 -2.62 9.74
C GLU B 301 13.95 -2.46 9.85
C GLU B 301 13.94 -2.47 9.84
N VAL B 302 14.66 -3.58 9.99
CA VAL B 302 16.16 -3.61 10.11
C VAL B 302 16.81 -2.79 8.98
N THR B 303 16.30 -2.91 7.76
CA THR B 303 16.82 -2.23 6.54
C THR B 303 16.62 -0.71 6.62
N SER B 304 15.70 -0.21 7.48
CA SER B 304 15.40 1.24 7.61
CA SER B 304 15.38 1.24 7.62
C SER B 304 16.15 1.87 8.79
N LEU B 305 16.96 1.10 9.54
CA LEU B 305 17.66 1.64 10.73
C LEU B 305 18.70 2.72 10.34
N GLU B 306 19.52 2.47 9.33
CA GLU B 306 20.58 3.45 8.90
C GLU B 306 19.94 4.81 8.61
N THR B 307 18.79 4.84 7.92
CA THR B 307 18.00 6.06 7.59
C THR B 307 17.48 6.72 8.87
N HIS B 308 16.89 5.94 9.78
CA HIS B 308 16.36 6.42 11.08
C HIS B 308 17.48 7.12 11.87
N LEU B 309 18.67 6.50 11.94
CA LEU B 309 19.81 7.06 12.73
C LEU B 309 20.35 8.33 12.06
N GLN B 310 20.36 8.43 10.73
CA GLN B 310 20.75 9.68 10.01
C GLN B 310 19.72 10.78 10.32
N LYS B 311 18.43 10.44 10.38
CA LYS B 311 17.31 11.38 10.67
C LYS B 311 17.39 11.93 12.10
N ILE B 312 17.73 11.11 13.10
CA ILE B 312 17.72 11.50 14.54
C ILE B 312 19.10 11.93 15.04
N TYR B 313 20.11 12.10 14.16
CA TYR B 313 21.44 12.67 14.49
C TYR B 313 21.66 13.97 13.70
N ASN B 314 20.71 14.90 13.81
CA ASN B 314 20.79 16.29 13.26
C ASN B 314 19.51 17.05 13.62
N ASN B 322 18.43 17.31 19.21
CA ASN B 322 18.29 16.33 18.11
C ASN B 322 17.21 15.27 18.44
N GLY B 323 16.84 14.45 17.45
CA GLY B 323 15.79 13.41 17.56
C GLY B 323 16.06 12.36 18.63
N LEU B 324 17.34 12.02 18.88
CA LEU B 324 17.78 10.99 19.88
C LEU B 324 17.54 11.53 21.29
N GLU B 325 17.98 12.77 21.57
CA GLU B 325 17.75 13.45 22.87
C GLU B 325 16.25 13.58 23.10
N GLU B 326 15.50 13.93 22.06
CA GLU B 326 14.02 14.07 22.08
C GLU B 326 13.39 12.71 22.45
N GLU B 327 13.81 11.63 21.78
CA GLU B 327 13.32 10.26 22.10
C GLU B 327 13.58 9.93 23.56
N PHE B 328 14.84 10.11 24.01
CA PHE B 328 15.26 9.80 25.39
C PHE B 328 14.45 10.66 26.38
N LYS B 329 14.19 11.92 26.04
CA LYS B 329 13.43 12.86 26.91
C LYS B 329 12.00 12.33 27.07
N LYS B 330 11.39 11.80 26.00
CA LYS B 330 10.02 11.21 26.08
C LYS B 330 10.01 10.11 27.15
N LEU B 331 11.11 9.33 27.26
CA LEU B 331 11.28 8.27 28.29
C LEU B 331 11.43 8.90 29.68
N THR B 332 12.39 9.82 29.87
CA THR B 332 12.71 10.44 31.20
C THR B 332 11.56 11.34 31.67
N SER B 333 10.76 11.89 30.74
CA SER B 333 9.55 12.73 31.01
C SER B 333 8.42 11.93 31.69
N ILE B 334 8.48 10.60 31.70
CA ILE B 334 7.42 9.75 32.35
C ILE B 334 7.70 9.73 33.87
N LYS B 335 6.63 9.80 34.66
CA LYS B 335 6.59 9.93 36.14
C LYS B 335 7.06 8.64 36.84
N ILE B 336 8.15 8.67 37.64
CA ILE B 336 8.58 7.51 38.49
C ILE B 336 7.56 7.42 39.63
N GLN B 337 7.06 6.20 39.91
CA GLN B 337 5.98 5.96 40.90
C GLN B 337 6.59 5.68 42.27
N ASN B 338 6.73 6.74 43.07
CA ASN B 338 7.28 6.75 44.46
C ASN B 338 6.38 5.89 45.37
N ASP B 339 5.07 5.88 45.10
CA ASP B 339 4.03 5.16 45.90
C ASP B 339 4.08 3.66 45.65
N LYS B 340 4.75 3.21 44.56
CA LYS B 340 4.71 1.82 44.05
C LYS B 340 5.85 0.95 44.62
N MET B 341 6.93 1.52 45.15
CA MET B 341 8.08 0.76 45.72
C MET B 341 8.16 1.02 47.22
N ARG B 342 7.21 0.54 48.00
CA ARG B 342 7.19 0.87 49.44
C ARG B 342 8.04 -0.16 50.19
N THR B 343 8.07 -1.44 49.80
CA THR B 343 8.74 -2.51 50.59
C THR B 343 10.25 -2.21 50.75
N GLY B 344 10.93 -1.86 49.67
CA GLY B 344 12.37 -1.52 49.73
C GLY B 344 12.65 -0.31 50.60
N ASN B 345 11.67 0.60 50.78
CA ASN B 345 11.77 1.82 51.61
C ASN B 345 11.49 1.55 53.09
N LEU B 346 11.05 0.35 53.49
CA LEU B 346 10.77 0.06 54.93
C LEU B 346 12.10 0.15 55.70
N PRO B 347 12.08 0.67 56.95
CA PRO B 347 13.30 0.75 57.76
C PRO B 347 14.12 -0.55 57.80
N ALA B 348 13.45 -1.70 57.89
CA ALA B 348 14.08 -3.04 57.98
C ALA B 348 14.85 -3.38 56.69
N ASN B 349 14.44 -2.83 55.54
CA ASN B 349 15.00 -3.17 54.20
C ASN B 349 15.91 -2.07 53.63
N MET B 350 15.91 -0.85 54.19
CA MET B 350 16.64 0.32 53.63
C MET B 350 18.13 0.03 53.38
N LYS B 351 18.82 -0.65 54.32
CA LYS B 351 20.28 -0.95 54.24
C LYS B 351 20.58 -2.10 53.27
N LYS B 352 19.56 -2.80 52.74
CA LYS B 352 19.72 -3.89 51.74
C LYS B 352 19.80 -3.31 50.32
N ASN B 353 19.70 -1.99 50.17
CA ASN B 353 19.70 -1.27 48.88
C ASN B 353 21.01 -0.47 48.76
N ARG B 354 21.67 -0.56 47.60
CA ARG B 354 22.88 0.25 47.31
C ARG B 354 22.48 1.72 47.08
N VAL B 355 21.44 1.93 46.28
CA VAL B 355 20.92 3.28 45.90
C VAL B 355 19.42 3.31 46.20
N LEU B 356 18.99 4.27 47.01
CA LEU B 356 17.58 4.48 47.47
C LEU B 356 16.64 4.63 46.27
N GLN B 357 17.03 5.44 45.27
CA GLN B 357 16.22 5.72 44.04
C GLN B 357 16.04 4.45 43.18
N ILE B 358 16.91 3.45 43.29
CA ILE B 358 16.88 2.19 42.46
C ILE B 358 16.43 1.05 43.36
N ILE B 359 15.11 0.93 43.48
CA ILE B 359 14.36 0.05 44.42
C ILE B 359 13.24 -0.55 43.58
N PRO B 360 12.85 -1.82 43.78
CA PRO B 360 11.83 -2.44 42.93
C PRO B 360 10.44 -1.84 43.16
N TYR B 361 9.67 -1.75 42.08
CA TYR B 361 8.20 -1.54 42.16
C TYR B 361 7.55 -2.80 42.73
N GLU B 362 6.41 -2.65 43.42
CA GLU B 362 5.80 -3.78 44.15
C GLU B 362 5.31 -4.85 43.17
N PHE B 363 4.72 -4.46 42.04
CA PHE B 363 4.00 -5.41 41.16
C PHE B 363 4.96 -6.48 40.63
N ASN B 364 6.25 -6.18 40.47
CA ASN B 364 7.22 -7.15 39.91
C ASN B 364 8.44 -7.34 40.81
N ARG B 365 8.41 -6.96 42.08
CA ARG B 365 9.62 -7.17 42.92
C ARG B 365 9.78 -8.68 43.08
N VAL B 366 11.03 -9.14 43.14
CA VAL B 366 11.35 -10.58 43.27
C VAL B 366 11.21 -10.89 44.75
N ILE B 367 10.20 -11.68 45.09
CA ILE B 367 9.92 -12.08 46.50
C ILE B 367 10.69 -13.36 46.79
N ILE B 368 11.35 -13.43 47.95
CA ILE B 368 12.09 -14.66 48.38
C ILE B 368 11.41 -15.19 49.63
N PRO B 369 11.52 -16.50 49.93
CA PRO B 369 10.87 -17.08 51.11
C PRO B 369 11.35 -16.42 52.41
N VAL B 370 10.47 -16.44 53.41
CA VAL B 370 10.80 -15.95 54.77
C VAL B 370 11.81 -16.93 55.37
N LYS B 371 13.00 -16.45 55.68
CA LYS B 371 14.09 -17.19 56.39
C LYS B 371 13.67 -17.40 57.85
N ARG B 372 13.35 -18.64 58.23
CA ARG B 372 12.99 -19.10 59.60
C ARG B 372 12.13 -18.06 60.33
N GLY B 373 11.01 -17.67 59.71
CA GLY B 373 9.98 -16.77 60.25
C GLY B 373 10.47 -15.37 60.64
N GLU B 374 11.62 -14.91 60.14
CA GLU B 374 12.12 -13.53 60.45
C GLU B 374 11.20 -12.51 59.78
N GLU B 375 11.09 -11.32 60.35
CA GLU B 375 10.32 -10.20 59.75
C GLU B 375 11.19 -9.56 58.67
N ASN B 376 10.57 -9.21 57.53
CA ASN B 376 11.17 -8.41 56.43
C ASN B 376 12.36 -9.13 55.76
N THR B 377 12.39 -10.46 55.80
CA THR B 377 13.48 -11.29 55.21
C THR B 377 13.05 -11.81 53.82
N ASP B 378 11.91 -11.36 53.30
CA ASP B 378 11.38 -11.72 51.95
C ASP B 378 11.88 -10.73 50.88
N TYR B 379 12.72 -9.76 51.25
CA TYR B 379 13.09 -8.64 50.36
C TYR B 379 14.50 -8.78 49.78
N VAL B 380 14.59 -8.64 48.47
CA VAL B 380 15.86 -8.45 47.73
C VAL B 380 15.63 -7.31 46.74
N ASN B 381 16.65 -6.47 46.52
CA ASN B 381 16.57 -5.37 45.54
C ASN B 381 16.68 -5.98 44.15
N ALA B 382 15.57 -6.48 43.61
CA ALA B 382 15.53 -7.11 42.29
C ALA B 382 14.11 -7.08 41.73
N SER B 383 14.02 -7.02 40.41
CA SER B 383 12.75 -6.87 39.65
C SER B 383 12.67 -7.93 38.56
N PHE B 384 11.49 -8.54 38.40
CA PHE B 384 11.20 -9.41 37.24
C PHE B 384 10.95 -8.54 36.02
N ILE B 385 11.62 -8.87 34.92
CA ILE B 385 11.58 -8.10 33.64
C ILE B 385 11.11 -9.00 32.50
N ASP B 386 10.14 -8.52 31.73
CA ASP B 386 9.64 -9.21 30.53
C ASP B 386 10.74 -9.24 29.46
N GLY B 387 10.88 -10.37 28.78
CA GLY B 387 11.78 -10.53 27.62
C GLY B 387 11.00 -10.49 26.32
N TYR B 388 11.58 -11.02 25.26
CA TYR B 388 10.96 -11.03 23.91
C TYR B 388 9.82 -12.04 23.88
N ARG B 389 10.03 -13.24 24.44
CA ARG B 389 9.05 -14.36 24.33
C ARG B 389 8.35 -14.68 25.66
N GLN B 390 9.03 -14.51 26.78
CA GLN B 390 8.55 -14.96 28.09
C GLN B 390 8.51 -13.82 29.09
N LYS B 391 7.49 -13.85 29.95
CA LYS B 391 7.43 -12.99 31.15
C LYS B 391 8.57 -13.45 32.05
N ASP B 392 9.09 -12.55 32.86
CA ASP B 392 10.14 -12.85 33.87
C ASP B 392 11.36 -13.48 33.17
N SER B 393 11.74 -12.97 31.99
CA SER B 393 12.94 -13.45 31.24
C SER B 393 14.20 -13.09 32.03
N TYR B 394 14.19 -11.95 32.71
CA TYR B 394 15.34 -11.41 33.46
C TYR B 394 14.91 -11.07 34.87
N ILE B 395 15.81 -11.33 35.80
CA ILE B 395 15.80 -10.70 37.14
C ILE B 395 16.84 -9.58 37.05
N ALA B 396 16.39 -8.33 37.11
CA ALA B 396 17.23 -7.13 37.09
C ALA B 396 17.52 -6.87 38.57
N SER B 397 18.76 -7.11 38.98
CA SER B 397 19.16 -7.10 40.41
C SER B 397 20.29 -6.10 40.63
N GLN B 398 20.37 -5.55 41.84
CA GLN B 398 21.60 -4.84 42.27
C GLN B 398 22.65 -5.93 42.46
N GLY B 399 23.93 -5.58 42.40
CA GLY B 399 25.00 -6.47 42.83
C GLY B 399 24.90 -6.59 44.35
N PRO B 400 25.04 -7.80 44.93
CA PRO B 400 24.87 -7.94 46.37
C PRO B 400 25.89 -7.10 47.18
N LEU B 401 25.43 -6.67 48.34
CA LEU B 401 26.28 -6.10 49.42
C LEU B 401 26.79 -7.31 50.21
N LEU B 402 27.86 -7.15 50.99
CA LEU B 402 28.39 -8.27 51.82
C LEU B 402 27.25 -8.95 52.59
N HIS B 403 26.37 -8.14 53.21
CA HIS B 403 25.24 -8.59 54.07
C HIS B 403 24.02 -9.01 53.25
N THR B 404 24.03 -8.98 51.91
CA THR B 404 22.88 -9.47 51.08
C THR B 404 23.30 -10.63 50.17
N ILE B 405 24.52 -11.18 50.30
CA ILE B 405 24.98 -12.30 49.43
C ILE B 405 24.08 -13.53 49.66
N GLU B 406 23.78 -13.86 50.90
CA GLU B 406 22.90 -15.01 51.23
C GLU B 406 21.53 -14.78 50.58
N ASP B 407 20.96 -13.58 50.69
CA ASP B 407 19.65 -13.22 50.08
C ASP B 407 19.70 -13.41 48.56
N PHE B 408 20.78 -12.91 47.95
CA PHE B 408 21.05 -13.01 46.49
C PHE B 408 20.99 -14.47 46.04
N TRP B 409 21.68 -15.38 46.74
CA TRP B 409 21.69 -16.83 46.40
C TRP B 409 20.32 -17.48 46.71
N ARG B 410 19.63 -17.07 47.78
CA ARG B 410 18.27 -17.59 48.09
C ARG B 410 17.35 -17.19 46.93
N MET B 411 17.51 -15.96 46.41
CA MET B 411 16.74 -15.46 45.24
C MET B 411 17.03 -16.35 44.02
N ILE B 412 18.30 -16.55 43.68
CA ILE B 412 18.74 -17.37 42.51
C ILE B 412 18.18 -18.79 42.66
N TRP B 413 18.24 -19.35 43.87
CA TRP B 413 17.78 -20.74 44.12
C TRP B 413 16.26 -20.85 43.95
N GLU B 414 15.53 -19.99 44.65
CA GLU B 414 14.04 -19.93 44.63
C GLU B 414 13.53 -19.84 43.19
N TRP B 415 14.14 -18.98 42.37
CA TRP B 415 13.60 -18.64 41.02
C TRP B 415 14.28 -19.42 39.90
N LYS B 416 15.09 -20.43 40.23
CA LYS B 416 15.54 -21.51 39.30
C LYS B 416 16.56 -21.01 38.27
N SER B 417 17.16 -19.83 38.49
CA SER B 417 18.12 -19.22 37.54
CA SER B 417 18.14 -19.21 37.54
C SER B 417 19.32 -20.16 37.32
N CYS B 418 19.68 -20.41 36.06
CA CYS B 418 20.88 -21.19 35.65
C CYS B 418 21.89 -20.28 34.94
N SER B 419 21.58 -18.99 34.82
CA SER B 419 22.42 -17.97 34.13
C SER B 419 22.52 -16.73 35.03
N ILE B 420 23.75 -16.32 35.35
CA ILE B 420 24.00 -15.06 36.09
C ILE B 420 24.88 -14.17 35.19
N VAL B 421 24.46 -12.94 34.98
CA VAL B 421 25.19 -11.96 34.13
C VAL B 421 25.64 -10.82 35.04
N MET B 422 26.96 -10.66 35.18
CA MET B 422 27.58 -9.62 36.03
C MET B 422 28.19 -8.53 35.13
N LEU B 423 27.70 -7.30 35.26
CA LEU B 423 28.04 -6.19 34.32
C LEU B 423 28.86 -5.12 35.03
N THR B 424 29.56 -5.49 36.11
CA THR B 424 30.41 -4.57 36.88
C THR B 424 31.66 -5.33 37.31
N GLU B 425 32.72 -4.61 37.60
CA GLU B 425 33.83 -5.20 38.37
C GLU B 425 33.44 -5.06 39.85
N LEU B 426 34.12 -5.81 40.73
CA LEU B 426 33.91 -5.77 42.19
C LEU B 426 34.19 -4.36 42.71
N GLU B 427 35.20 -3.70 42.14
CA GLU B 427 35.61 -2.33 42.50
C GLU B 427 35.86 -1.55 41.19
N GLU B 428 35.38 -0.31 41.13
CA GLU B 428 35.57 0.60 39.97
C GLU B 428 35.84 1.99 40.53
N ARG B 429 36.86 2.66 39.99
CA ARG B 429 37.28 4.05 40.35
C ARG B 429 37.54 4.14 41.85
N GLY B 430 38.21 3.14 42.43
CA GLY B 430 38.57 3.08 43.87
C GLY B 430 37.38 2.93 44.80
N GLN B 431 36.19 2.54 44.31
CA GLN B 431 34.94 2.43 45.10
C GLN B 431 34.37 1.01 44.94
N GLU B 432 33.91 0.40 46.03
CA GLU B 432 33.22 -0.92 46.03
C GLU B 432 31.92 -0.79 45.19
N LYS B 433 31.70 -1.73 44.27
CA LYS B 433 30.49 -1.77 43.38
C LYS B 433 29.70 -3.06 43.56
N CYS B 434 30.35 -4.14 44.00
CA CYS B 434 29.72 -5.47 44.19
C CYS B 434 30.56 -6.29 45.17
N ALA B 435 29.89 -7.06 46.03
CA ALA B 435 30.53 -8.04 46.93
C ALA B 435 30.73 -9.32 46.13
N GLN B 436 31.85 -10.01 46.31
CA GLN B 436 32.11 -11.29 45.60
C GLN B 436 31.21 -12.36 46.21
N TYR B 437 30.39 -13.01 45.37
CA TYR B 437 29.36 -13.99 45.79
C TYR B 437 29.69 -15.38 45.23
N TRP B 438 30.85 -15.55 44.58
CA TRP B 438 31.30 -16.83 43.99
C TRP B 438 32.66 -17.14 44.60
N PRO B 439 33.06 -18.43 44.65
CA PRO B 439 34.38 -18.80 45.13
C PRO B 439 35.37 -18.61 43.98
N SER B 440 36.51 -17.95 44.23
CA SER B 440 37.62 -17.83 43.24
C SER B 440 38.19 -19.23 42.96
N ASP B 441 38.24 -20.07 44.00
CA ASP B 441 38.63 -21.50 43.92
C ASP B 441 37.81 -22.27 44.96
N GLY B 442 37.50 -23.53 44.65
CA GLY B 442 36.86 -24.49 45.59
C GLY B 442 35.44 -24.08 45.99
N LEU B 443 35.16 -24.09 47.28
CA LEU B 443 33.78 -24.04 47.82
C LEU B 443 33.58 -22.84 48.76
N VAL B 444 32.39 -22.27 48.74
CA VAL B 444 31.94 -21.22 49.71
C VAL B 444 30.49 -21.51 50.08
N SER B 445 30.11 -21.20 51.31
CA SER B 445 28.75 -21.44 51.87
C SER B 445 28.12 -20.10 52.28
N TYR B 446 26.85 -19.91 51.91
CA TYR B 446 26.00 -18.77 52.33
C TYR B 446 24.68 -19.38 52.82
N GLY B 447 24.55 -19.53 54.14
CA GLY B 447 23.40 -20.21 54.76
C GLY B 447 23.24 -21.59 54.17
N ASP B 448 22.06 -21.90 53.61
CA ASP B 448 21.72 -23.24 53.07
C ASP B 448 22.30 -23.44 51.67
N ILE B 449 22.91 -22.42 51.05
CA ILE B 449 23.47 -22.50 49.67
C ILE B 449 24.99 -22.61 49.71
N THR B 450 25.49 -23.71 49.14
CA THR B 450 26.93 -23.98 48.89
C THR B 450 27.18 -23.75 47.39
N VAL B 451 28.28 -23.08 47.08
CA VAL B 451 28.69 -22.73 45.68
C VAL B 451 30.10 -23.26 45.47
N GLU B 452 30.26 -24.13 44.46
CA GLU B 452 31.56 -24.74 44.11
C GLU B 452 31.92 -24.32 42.69
N LEU B 453 33.14 -23.85 42.48
CA LEU B 453 33.64 -23.55 41.11
C LEU B 453 34.05 -24.88 40.46
N LYS B 454 33.32 -25.29 39.43
CA LYS B 454 33.58 -26.56 38.69
C LYS B 454 34.45 -26.30 37.46
N LYS B 455 34.32 -25.14 36.84
CA LYS B 455 35.08 -24.78 35.61
C LYS B 455 35.13 -23.26 35.47
N GLU B 456 36.27 -22.73 35.05
CA GLU B 456 36.39 -21.28 34.73
C GLU B 456 37.03 -21.20 33.33
N GLU B 457 36.45 -20.38 32.46
CA GLU B 457 36.94 -20.15 31.08
C GLU B 457 37.01 -18.64 30.84
N GLU B 458 38.14 -18.16 30.33
CA GLU B 458 38.30 -16.73 29.99
C GLU B 458 37.94 -16.57 28.50
N CYS B 459 36.88 -15.82 28.19
CA CYS B 459 36.53 -15.39 26.80
C CYS B 459 37.05 -13.95 26.61
N GLU B 460 36.91 -13.36 25.42
CA GLU B 460 37.55 -12.06 25.08
C GLU B 460 37.09 -10.92 26.01
N SER B 461 35.78 -10.81 26.25
CA SER B 461 35.15 -9.69 27.03
C SER B 461 34.51 -10.17 28.32
N TYR B 462 34.60 -11.45 28.67
CA TYR B 462 33.97 -11.98 29.91
C TYR B 462 34.60 -13.31 30.33
N THR B 463 34.47 -13.58 31.64
CA THR B 463 34.83 -14.84 32.29
C THR B 463 33.55 -15.67 32.40
N VAL B 464 33.62 -16.95 32.11
CA VAL B 464 32.50 -17.92 32.28
C VAL B 464 32.87 -18.81 33.46
N ARG B 465 32.05 -18.79 34.51
CA ARG B 465 32.28 -19.63 35.71
C ARG B 465 31.14 -20.63 35.80
N ASP B 466 31.47 -21.92 35.70
CA ASP B 466 30.49 -23.00 35.91
C ASP B 466 30.48 -23.30 37.41
N LEU B 467 29.34 -23.04 38.05
CA LEU B 467 29.16 -23.19 39.51
C LEU B 467 28.24 -24.39 39.74
N LEU B 468 28.61 -25.30 40.64
CA LEU B 468 27.71 -26.33 41.17
C LEU B 468 27.12 -25.73 42.44
N VAL B 469 25.82 -25.42 42.42
CA VAL B 469 25.13 -24.77 43.56
C VAL B 469 24.26 -25.83 44.23
N THR B 470 24.44 -26.01 45.53
CA THR B 470 23.75 -27.04 46.33
C THR B 470 22.94 -26.35 47.42
N ASN B 471 21.65 -26.68 47.52
CA ASN B 471 20.82 -26.32 48.69
C ASN B 471 20.97 -27.49 49.66
N THR B 472 21.75 -27.30 50.73
CA THR B 472 22.10 -28.37 51.71
C THR B 472 20.91 -28.68 52.63
N ARG B 473 19.90 -27.83 52.70
CA ARG B 473 18.65 -28.09 53.45
C ARG B 473 17.78 -29.05 52.62
N GLU B 474 17.61 -28.74 51.34
CA GLU B 474 16.80 -29.56 50.38
C GLU B 474 17.59 -30.78 49.89
N ASN B 475 18.93 -30.77 50.03
CA ASN B 475 19.84 -31.84 49.52
C ASN B 475 19.61 -31.97 48.00
N LYS B 476 19.64 -30.84 47.28
CA LYS B 476 19.47 -30.76 45.80
C LYS B 476 20.53 -29.81 45.24
N SER B 477 21.00 -30.08 44.03
CA SER B 477 22.06 -29.29 43.36
C SER B 477 21.64 -28.90 41.94
N ARG B 478 22.25 -27.84 41.44
CA ARG B 478 21.95 -27.21 40.13
C ARG B 478 23.28 -26.76 39.52
N GLN B 479 23.40 -26.86 38.20
CA GLN B 479 24.54 -26.31 37.42
C GLN B 479 24.14 -24.89 37.03
N ILE B 480 24.90 -23.90 37.49
CA ILE B 480 24.61 -22.45 37.22
C ILE B 480 25.84 -21.83 36.58
N ARG B 481 25.66 -21.16 35.46
CA ARG B 481 26.76 -20.50 34.74
C ARG B 481 26.73 -18.98 34.99
N GLN B 482 27.84 -18.44 35.47
CA GLN B 482 28.02 -16.98 35.67
C GLN B 482 28.84 -16.43 34.50
N PHE B 483 28.35 -15.35 33.88
CA PHE B 483 29.03 -14.59 32.81
C PHE B 483 29.46 -13.24 33.40
N HIS B 484 30.75 -13.09 33.65
CA HIS B 484 31.32 -11.88 34.30
C HIS B 484 31.92 -10.99 33.21
N PHE B 485 31.21 -9.92 32.86
CA PHE B 485 31.59 -8.98 31.78
C PHE B 485 32.66 -8.01 32.24
N HIS B 486 33.74 -7.92 31.45
CA HIS B 486 34.86 -6.98 31.69
C HIS B 486 34.90 -5.90 30.61
N GLY B 487 33.97 -5.92 29.66
CA GLY B 487 33.98 -5.01 28.50
C GLY B 487 33.28 -3.68 28.74
N TRP B 488 32.87 -3.36 29.97
CA TRP B 488 32.20 -2.05 30.27
C TRP B 488 33.21 -1.15 30.98
N PRO B 489 33.61 0.01 30.39
CA PRO B 489 34.63 0.87 30.99
C PRO B 489 34.07 1.60 32.24
N GLU B 490 34.97 1.98 33.15
CA GLU B 490 34.68 2.67 34.44
C GLU B 490 33.90 3.97 34.20
N VAL B 491 34.16 4.66 33.09
CA VAL B 491 33.46 5.91 32.67
C VAL B 491 32.97 5.72 31.23
N GLY B 492 31.77 6.23 30.95
CA GLY B 492 31.16 6.22 29.60
C GLY B 492 30.58 4.87 29.25
N ILE B 493 30.59 4.55 27.95
CA ILE B 493 30.00 3.30 27.39
C ILE B 493 31.09 2.55 26.64
N PRO B 494 30.92 1.24 26.35
CA PRO B 494 31.88 0.52 25.51
C PRO B 494 32.03 1.20 24.14
N SER B 495 33.23 1.15 23.58
CA SER B 495 33.62 1.83 22.31
C SER B 495 32.98 1.11 21.12
N ASP B 496 32.58 -0.15 21.29
CA ASP B 496 31.83 -0.91 20.25
C ASP B 496 30.94 -1.96 20.92
N GLY B 497 30.15 -2.66 20.12
CA GLY B 497 29.18 -3.64 20.61
C GLY B 497 29.68 -5.06 20.59
N LYS B 498 30.93 -5.32 20.19
CA LYS B 498 31.43 -6.71 19.98
C LYS B 498 31.26 -7.54 21.27
N GLY B 499 31.74 -7.02 22.41
CA GLY B 499 31.65 -7.71 23.72
C GLY B 499 30.21 -7.97 24.14
N MET B 500 29.36 -6.95 24.03
CA MET B 500 27.94 -7.05 24.44
C MET B 500 27.25 -8.10 23.56
N ILE B 501 27.48 -8.09 22.25
CA ILE B 501 26.87 -9.08 21.31
C ILE B 501 27.32 -10.49 21.75
N SER B 502 28.59 -10.66 22.05
CA SER B 502 29.16 -12.00 22.40
CA SER B 502 29.18 -11.98 22.40
C SER B 502 28.54 -12.52 23.69
N ILE B 503 28.45 -11.68 24.73
CA ILE B 503 27.91 -12.16 26.03
C ILE B 503 26.41 -12.44 25.88
N ILE B 504 25.69 -11.61 25.15
CA ILE B 504 24.25 -11.86 24.88
C ILE B 504 24.10 -13.26 24.23
N ALA B 505 24.93 -13.59 23.23
CA ALA B 505 24.87 -14.88 22.50
C ALA B 505 25.21 -16.04 23.44
N ALA B 506 26.23 -15.88 24.29
CA ALA B 506 26.67 -16.92 25.26
C ALA B 506 25.51 -17.21 26.25
N VAL B 507 24.85 -16.16 26.72
CA VAL B 507 23.72 -16.29 27.69
C VAL B 507 22.58 -17.06 27.00
N GLN B 508 22.22 -16.69 25.76
CA GLN B 508 21.16 -17.39 24.98
C GLN B 508 21.49 -18.87 24.83
N LYS B 509 22.74 -19.22 24.53
CA LYS B 509 23.18 -20.63 24.37
C LYS B 509 22.94 -21.38 25.68
N GLN B 510 23.37 -20.82 26.81
CA GLN B 510 23.19 -21.40 28.18
C GLN B 510 21.70 -21.58 28.49
N GLN B 511 20.88 -20.59 28.14
CA GLN B 511 19.42 -20.61 28.41
C GLN B 511 18.78 -21.80 27.67
N GLN B 512 19.08 -21.96 26.39
CA GLN B 512 18.49 -23.01 25.51
C GLN B 512 18.89 -24.41 25.99
N GLN B 513 20.06 -24.55 26.63
CA GLN B 513 20.58 -25.83 27.16
C GLN B 513 20.06 -26.13 28.58
N SER B 514 19.53 -25.13 29.31
CA SER B 514 19.24 -25.24 30.76
C SER B 514 17.74 -25.07 31.11
N GLY B 515 16.85 -24.90 30.12
CA GLY B 515 15.40 -24.82 30.33
C GLY B 515 14.85 -23.39 30.42
N ASN B 516 15.57 -22.39 29.92
CA ASN B 516 15.07 -20.99 29.74
C ASN B 516 14.46 -20.44 31.05
N HIS B 517 15.19 -20.56 32.15
CA HIS B 517 14.79 -20.03 33.47
C HIS B 517 15.15 -18.55 33.51
N PRO B 518 14.59 -17.74 34.43
CA PRO B 518 14.94 -16.32 34.51
C PRO B 518 16.47 -16.13 34.58
N ILE B 519 16.98 -15.20 33.79
CA ILE B 519 18.43 -14.83 33.76
C ILE B 519 18.63 -13.79 34.86
N THR B 520 19.52 -14.06 35.82
CA THR B 520 19.85 -13.05 36.85
C THR B 520 20.87 -12.08 36.23
N VAL B 521 20.50 -10.82 36.07
CA VAL B 521 21.33 -9.74 35.48
C VAL B 521 21.59 -8.70 36.57
N HIS B 522 22.85 -8.37 36.81
CA HIS B 522 23.16 -7.32 37.79
C HIS B 522 24.39 -6.53 37.35
N CYS B 523 24.41 -5.28 37.77
CA CYS B 523 25.61 -4.41 37.74
C CYS B 523 25.88 -4.03 39.20
N SER B 524 25.95 -2.75 39.53
CA SER B 524 26.09 -2.30 40.94
C SER B 524 24.69 -2.01 41.49
N ALA B 525 24.03 -0.91 41.08
CA ALA B 525 22.69 -0.52 41.55
C ALA B 525 21.59 -1.35 40.85
N GLY B 526 21.87 -1.92 39.68
CA GLY B 526 20.96 -2.78 38.92
C GLY B 526 20.04 -2.03 37.96
N ALA B 527 20.45 -0.87 37.43
CA ALA B 527 19.61 -0.07 36.48
C ALA B 527 20.27 0.20 35.12
N GLY B 528 21.40 0.92 35.07
CA GLY B 528 21.95 1.45 33.80
C GLY B 528 22.48 0.36 32.88
N ARG B 529 23.54 -0.31 33.30
CA ARG B 529 24.14 -1.42 32.51
C ARG B 529 23.16 -2.58 32.44
N THR B 530 22.53 -2.92 33.57
CA THR B 530 21.53 -4.02 33.64
C THR B 530 20.42 -3.77 32.62
N GLY B 531 19.87 -2.55 32.57
CA GLY B 531 18.81 -2.18 31.61
C GLY B 531 19.32 -2.30 30.18
N THR B 532 20.55 -1.87 29.91
CA THR B 532 21.15 -1.94 28.55
C THR B 532 21.23 -3.40 28.11
N PHE B 533 21.70 -4.30 28.98
CA PHE B 533 21.81 -5.74 28.68
C PHE B 533 20.41 -6.31 28.38
N CYS B 534 19.43 -6.01 29.23
CA CYS B 534 18.04 -6.52 29.07
C CYS B 534 17.48 -6.01 27.74
N ALA B 535 17.61 -4.70 27.48
CA ALA B 535 17.11 -4.05 26.24
C ALA B 535 17.72 -4.74 25.03
N LEU B 536 19.04 -4.89 25.01
CA LEU B 536 19.75 -5.46 23.83
C LEU B 536 19.44 -6.96 23.69
N SER B 537 19.34 -7.73 24.78
CA SER B 537 18.97 -9.16 24.69
C SER B 537 17.61 -9.27 23.99
N THR B 538 16.64 -8.45 24.41
CA THR B 538 15.26 -8.46 23.85
C THR B 538 15.29 -8.03 22.38
N VAL B 539 15.91 -6.90 22.09
CA VAL B 539 15.93 -6.31 20.72
C VAL B 539 16.68 -7.23 19.76
N LEU B 540 17.85 -7.76 20.12
CA LEU B 540 18.61 -8.61 19.17
C LEU B 540 17.83 -9.90 18.90
N GLU B 541 17.16 -10.48 19.89
CA GLU B 541 16.33 -11.70 19.71
C GLU B 541 15.24 -11.37 18.67
N ARG B 542 14.59 -10.21 18.80
CA ARG B 542 13.49 -9.82 17.89
C ARG B 542 14.06 -9.51 16.49
N VAL B 543 15.21 -8.85 16.41
CA VAL B 543 15.88 -8.55 15.10
C VAL B 543 16.10 -9.89 14.37
N LYS B 544 16.62 -10.90 15.06
CA LYS B 544 16.92 -12.22 14.44
C LYS B 544 15.62 -12.92 14.05
N ALA B 545 14.60 -12.88 14.90
CA ALA B 545 13.32 -13.60 14.67
C ALA B 545 12.44 -12.91 13.60
N GLU B 546 12.37 -11.57 13.58
CA GLU B 546 11.38 -10.80 12.78
C GLU B 546 11.97 -9.69 11.89
N GLY B 547 13.25 -9.33 12.01
CA GLY B 547 13.83 -8.22 11.23
C GLY B 547 13.19 -6.89 11.59
N ILE B 548 12.72 -6.75 12.83
CA ILE B 548 12.05 -5.52 13.32
C ILE B 548 12.69 -5.14 14.66
N LEU B 549 12.79 -3.84 14.92
CA LEU B 549 13.26 -3.32 16.22
C LEU B 549 12.39 -2.15 16.66
N ASP B 550 12.14 -2.11 17.97
CA ASP B 550 11.40 -1.01 18.64
C ASP B 550 12.20 -0.66 19.88
N VAL B 551 13.33 0.02 19.69
CA VAL B 551 14.22 0.41 20.82
C VAL B 551 13.43 1.30 21.77
N PHE B 552 12.67 2.27 21.25
CA PHE B 552 11.90 3.23 22.08
C PHE B 552 10.94 2.49 23.02
N GLN B 553 10.08 1.62 22.50
CA GLN B 553 9.11 0.88 23.35
C GLN B 553 9.83 -0.13 24.24
N THR B 554 10.89 -0.77 23.77
CA THR B 554 11.65 -1.73 24.62
C THR B 554 12.13 -0.98 25.86
N VAL B 555 12.77 0.17 25.68
CA VAL B 555 13.37 0.91 26.82
C VAL B 555 12.24 1.51 27.67
N LYS B 556 11.19 2.03 27.03
CA LYS B 556 10.02 2.58 27.76
C LYS B 556 9.48 1.53 28.74
N SER B 557 9.23 0.32 28.24
CA SER B 557 8.72 -0.83 29.03
C SER B 557 9.71 -1.17 30.15
N LEU B 558 11.02 -1.13 29.90
CA LEU B 558 11.99 -1.41 30.98
C LEU B 558 11.86 -0.35 32.07
N ARG B 559 11.75 0.93 31.71
CA ARG B 559 11.58 2.06 32.65
C ARG B 559 10.31 1.88 33.49
N LEU B 560 9.25 1.33 32.90
CA LEU B 560 8.01 1.06 33.66
C LEU B 560 8.16 -0.12 34.63
N GLN B 561 9.13 -1.01 34.42
CA GLN B 561 9.34 -2.23 35.25
C GLN B 561 10.35 -2.02 36.37
N ARG B 562 11.29 -1.10 36.21
CA ARG B 562 12.28 -0.83 37.30
C ARG B 562 12.86 0.56 37.08
N PRO B 563 12.98 1.38 38.15
CA PRO B 563 13.49 2.73 38.02
C PRO B 563 14.85 2.81 37.31
N HIS B 564 14.95 3.71 36.35
CA HIS B 564 16.20 4.13 35.67
C HIS B 564 16.82 3.01 34.81
N MET B 565 16.08 1.96 34.42
CA MET B 565 16.58 0.95 33.46
C MET B 565 17.01 1.67 32.17
N VAL B 566 18.27 1.55 31.78
CA VAL B 566 18.88 2.40 30.71
C VAL B 566 18.79 3.84 31.25
N GLN B 567 19.79 4.24 32.02
CA GLN B 567 19.73 5.44 32.89
C GLN B 567 20.09 6.72 32.12
N THR B 568 21.05 6.64 31.19
CA THR B 568 21.65 7.84 30.53
C THR B 568 21.40 7.84 29.02
N LEU B 569 21.47 9.03 28.44
CA LEU B 569 21.40 9.24 26.97
C LEU B 569 22.48 8.37 26.29
N GLU B 570 23.69 8.34 26.85
CA GLU B 570 24.86 7.55 26.36
C GLU B 570 24.46 6.08 26.20
N GLN B 571 23.83 5.51 27.23
CA GLN B 571 23.42 4.08 27.26
C GLN B 571 22.35 3.85 26.19
N TYR B 572 21.41 4.79 26.06
CA TYR B 572 20.32 4.75 25.05
C TYR B 572 20.93 4.76 23.63
N GLU B 573 21.83 5.69 23.36
CA GLU B 573 22.58 5.79 22.08
C GLU B 573 23.32 4.46 21.82
N PHE B 574 23.94 3.90 22.86
CA PHE B 574 24.72 2.63 22.80
C PHE B 574 23.81 1.47 22.34
N CYS B 575 22.57 1.41 22.83
CA CYS B 575 21.56 0.40 22.40
C CYS B 575 21.44 0.46 20.88
N TYR B 576 21.22 1.65 20.32
CA TYR B 576 21.06 1.81 18.86
C TYR B 576 22.35 1.40 18.14
N LYS B 577 23.51 1.79 18.69
CA LYS B 577 24.83 1.51 18.07
C LYS B 577 25.08 -0.02 18.00
N VAL B 578 24.75 -0.74 19.06
CA VAL B 578 24.93 -2.23 19.12
C VAL B 578 23.98 -2.88 18.10
N VAL B 579 22.73 -2.44 18.02
CA VAL B 579 21.76 -3.05 17.05
C VAL B 579 22.29 -2.80 15.62
N GLN B 580 22.79 -1.61 15.31
CA GLN B 580 23.35 -1.29 13.96
C GLN B 580 24.58 -2.17 13.68
N GLU B 581 25.46 -2.31 14.66
CA GLU B 581 26.66 -3.17 14.55
C GLU B 581 26.22 -4.62 14.31
N TYR B 582 25.22 -5.10 15.06
CA TYR B 582 24.70 -6.49 14.93
C TYR B 582 24.16 -6.70 13.50
N ILE B 583 23.29 -5.80 13.03
CA ILE B 583 22.68 -5.88 11.68
C ILE B 583 23.78 -5.96 10.61
N ASP B 584 24.78 -5.10 10.70
CA ASP B 584 25.86 -4.99 9.69
C ASP B 584 26.75 -6.25 9.70
N ALA B 585 27.06 -6.82 10.86
CA ALA B 585 28.03 -7.94 10.98
C ALA B 585 27.36 -9.31 10.86
N PHE B 586 26.05 -9.43 11.11
CA PHE B 586 25.32 -10.72 11.22
C PHE B 586 24.16 -10.81 10.22
N SER B 587 24.25 -10.15 9.06
CA SER B 587 23.17 -10.14 8.02
C SER B 587 23.00 -11.52 7.38
#